data_4JYB
#
_entry.id   4JYB
#
_cell.length_a   185.561
_cell.length_b   58.231
_cell.length_c   76.441
_cell.angle_alpha   90.00
_cell.angle_beta   106.30
_cell.angle_gamma   90.00
#
_symmetry.space_group_name_H-M   'C 1 2 1'
#
loop_
_entity.id
_entity.type
_entity.pdbx_description
1 polymer 'Methylmalonyl-CoA mutase accessory protein'
2 non-polymer 'PHOSPHOAMINOPHOSPHONIC ACID-GUANYLATE ESTER'
3 water water
#
_entity_poly.entity_id   1
_entity_poly.type   'polypeptide(L)'
_entity_poly.pdbx_seq_one_letter_code
;MSATLPDMDTLRERLLAGDRAALARAITLAESRRADHRAAVRDLIDAVLPQTGRAIRVGITGVPGVGKSTTIDALGSLLT
AAGHKVAVLAVDPSSTRTGGSILGDKTRMARLAIDRNAFIRPSPSSGTLGGVAAKTRETMLLCEAAGFDVILVETVGVGQ
SETAVADLTDFFLVLMLPGAGDELQGIKKGIFELADMIAVNKADDGDGERRASAAASEYRAALHILTPPSATWTPPVVTI
SGLHGKGLDSLWSRIEDHRSKLTATGEIAGKRREQDVKWMWALVHERLHQRLVGSAEVRQATAEAERAVAGGEHSPAAGA
DAIATLIGLLEHHHHHH
;
_entity_poly.pdbx_strand_id   A,B
#
loop_
_chem_comp.id
_chem_comp.type
_chem_comp.name
_chem_comp.formula
GNP non-polymer 'PHOSPHOAMINOPHOSPHONIC ACID-GUANYLATE ESTER' 'C10 H17 N6 O13 P3'
#
# COMPACT_ATOMS: atom_id res chain seq x y z
N ASP A 7 25.29 -28.48 -11.71
CA ASP A 7 25.06 -29.70 -10.87
C ASP A 7 24.31 -29.36 -9.59
N MET A 8 22.99 -29.53 -9.61
CA MET A 8 22.11 -28.97 -8.57
C MET A 8 22.17 -29.71 -7.23
N ASP A 9 22.49 -30.99 -7.28
CA ASP A 9 22.43 -31.81 -6.08
C ASP A 9 23.60 -31.50 -5.18
N THR A 10 24.79 -31.41 -5.77
CA THR A 10 25.96 -30.97 -5.05
C THR A 10 25.78 -29.49 -4.70
N LEU A 11 25.21 -28.71 -5.61
CA LEU A 11 25.05 -27.30 -5.34
C LEU A 11 24.29 -27.11 -4.02
N ARG A 12 23.17 -27.83 -3.86
CA ARG A 12 22.38 -27.85 -2.63
C ARG A 12 23.23 -28.19 -1.41
N GLU A 13 23.84 -29.37 -1.47
CA GLU A 13 24.64 -29.85 -0.33
C GLU A 13 25.77 -28.89 0.00
N ARG A 14 26.39 -28.32 -1.02
CA ARG A 14 27.48 -27.33 -0.83
C ARG A 14 26.95 -26.05 -0.15
N LEU A 15 25.83 -25.56 -0.65
CA LEU A 15 25.20 -24.36 -0.09
C LEU A 15 24.79 -24.62 1.35
N LEU A 16 24.25 -25.81 1.65
CA LEU A 16 23.87 -26.12 3.05
C LEU A 16 25.09 -26.21 3.95
N ALA A 17 26.21 -26.61 3.37
CA ALA A 17 27.47 -26.61 4.09
C ALA A 17 28.12 -25.23 4.22
N GLY A 18 27.51 -24.18 3.65
CA GLY A 18 28.08 -22.83 3.79
C GLY A 18 29.09 -22.49 2.71
N ASP A 19 29.06 -23.21 1.60
CA ASP A 19 29.95 -22.93 0.51
C ASP A 19 29.43 -21.64 -0.18
N ARG A 20 30.21 -20.57 -0.03
CA ARG A 20 29.89 -19.22 -0.51
CA ARG A 20 29.84 -19.26 -0.53
C ARG A 20 29.74 -19.17 -2.03
N ALA A 21 30.63 -19.86 -2.73
CA ALA A 21 30.53 -19.89 -4.19
C ALA A 21 29.23 -20.55 -4.59
N ALA A 22 28.83 -21.60 -3.88
CA ALA A 22 27.57 -22.25 -4.19
C ALA A 22 26.39 -21.29 -3.93
N LEU A 23 26.45 -20.54 -2.84
CA LEU A 23 25.44 -19.55 -2.51
C LEU A 23 25.33 -18.48 -3.63
N ALA A 24 26.47 -17.91 -4.03
CA ALA A 24 26.51 -16.94 -5.16
C ALA A 24 25.87 -17.50 -6.39
N ARG A 25 26.17 -18.75 -6.67
CA ARG A 25 25.68 -19.43 -7.86
C ARG A 25 24.19 -19.62 -7.84
N ALA A 26 23.64 -20.13 -6.74
CA ALA A 26 22.19 -20.35 -6.65
C ALA A 26 21.44 -19.02 -6.74
N ILE A 27 22.04 -17.96 -6.19
CA ILE A 27 21.40 -16.65 -6.19
C ILE A 27 21.30 -16.15 -7.61
N THR A 28 22.41 -16.21 -8.33
CA THR A 28 22.43 -15.77 -9.74
C THR A 28 21.36 -16.51 -10.57
N LEU A 29 21.07 -17.77 -10.23
CA LEU A 29 19.99 -18.49 -10.91
C LEU A 29 18.62 -17.99 -10.48
N ALA A 30 18.45 -17.79 -9.19
CA ALA A 30 17.16 -17.41 -8.61
C ALA A 30 16.73 -16.03 -9.09
N GLU A 31 17.72 -15.17 -9.30
CA GLU A 31 17.47 -13.79 -9.63
C GLU A 31 17.45 -13.55 -11.13
N SER A 32 17.74 -14.63 -11.87
CA SER A 32 17.86 -14.58 -13.33
C SER A 32 16.56 -14.03 -13.99
N ARG A 33 16.70 -13.30 -15.09
CA ARG A 33 15.54 -12.94 -15.93
C ARG A 33 15.21 -14.01 -16.99
N ARG A 34 15.95 -15.14 -16.97
CA ARG A 34 15.68 -16.30 -17.85
C ARG A 34 14.79 -17.31 -17.09
N ALA A 35 13.64 -17.67 -17.66
CA ALA A 35 12.71 -18.60 -17.02
C ALA A 35 13.32 -19.98 -16.76
N ASP A 36 14.01 -20.52 -17.76
CA ASP A 36 14.67 -21.82 -17.60
C ASP A 36 15.63 -21.83 -16.41
N HIS A 37 16.30 -20.70 -16.15
CA HIS A 37 17.22 -20.61 -15.03
C HIS A 37 16.52 -20.64 -13.72
N ARG A 38 15.46 -19.82 -13.60
CA ARG A 38 14.72 -19.73 -12.36
C ARG A 38 14.09 -21.06 -12.01
N ALA A 39 13.59 -21.77 -13.02
CA ALA A 39 12.97 -23.08 -12.82
C ALA A 39 13.99 -24.02 -12.21
N ALA A 40 15.23 -23.91 -12.71
CA ALA A 40 16.31 -24.82 -12.36
C ALA A 40 16.58 -24.92 -10.86
N VAL A 41 16.44 -23.79 -10.15
CA VAL A 41 16.84 -23.65 -8.76
C VAL A 41 15.61 -23.60 -7.84
N ARG A 42 14.43 -23.78 -8.45
CA ARG A 42 13.18 -23.68 -7.72
C ARG A 42 13.10 -24.80 -6.71
N ASP A 43 13.33 -26.03 -7.15
CA ASP A 43 13.34 -27.18 -6.25
C ASP A 43 14.43 -27.05 -5.18
N LEU A 44 15.56 -26.41 -5.49
CA LEU A 44 16.64 -26.29 -4.52
C LEU A 44 16.18 -25.44 -3.32
N ILE A 45 15.61 -24.30 -3.61
CA ILE A 45 15.12 -23.41 -2.55
C ILE A 45 14.04 -24.11 -1.75
N ASP A 46 13.18 -24.83 -2.46
CA ASP A 46 12.13 -25.55 -1.77
C ASP A 46 12.73 -26.62 -0.85
N ALA A 47 13.77 -27.31 -1.33
CA ALA A 47 14.47 -28.32 -0.55
C ALA A 47 15.15 -27.78 0.72
N VAL A 48 15.68 -26.54 0.67
CA VAL A 48 16.40 -25.96 1.83
C VAL A 48 15.56 -25.15 2.79
N LEU A 49 14.26 -25.12 2.53
CA LEU A 49 13.34 -24.33 3.32
C LEU A 49 13.39 -24.67 4.81
N PRO A 50 13.49 -25.96 5.17
CA PRO A 50 13.54 -26.23 6.63
C PRO A 50 14.77 -25.65 7.31
N GLN A 51 15.79 -25.26 6.57
CA GLN A 51 16.97 -24.63 7.15
C GLN A 51 16.93 -23.11 7.08
N THR A 52 15.81 -22.54 6.66
CA THR A 52 15.71 -21.07 6.60
C THR A 52 15.06 -20.53 7.87
N GLY A 53 14.97 -19.22 7.96
CA GLY A 53 14.18 -18.58 9.01
C GLY A 53 14.89 -18.31 10.33
N ARG A 54 16.07 -18.88 10.57
CA ARG A 54 16.74 -18.70 11.84
C ARG A 54 17.67 -17.53 11.72
N ALA A 55 17.08 -16.38 11.56
CA ALA A 55 17.84 -15.16 11.40
C ALA A 55 16.96 -14.03 11.84
N ILE A 56 17.59 -12.89 12.12
CA ILE A 56 16.89 -11.65 12.35
C ILE A 56 16.93 -10.89 11.03
N ARG A 57 15.77 -10.52 10.51
CA ARG A 57 15.64 -9.86 9.24
C ARG A 57 15.27 -8.43 9.52
N VAL A 58 16.11 -7.48 9.07
CA VAL A 58 15.96 -6.05 9.37
C VAL A 58 15.91 -5.24 8.07
N GLY A 59 14.81 -4.53 7.84
CA GLY A 59 14.74 -3.58 6.75
C GLY A 59 15.26 -2.21 7.15
N ILE A 60 16.05 -1.59 6.29
CA ILE A 60 16.66 -0.29 6.60
C ILE A 60 16.43 0.71 5.48
N THR A 61 15.89 1.87 5.85
CA THR A 61 15.68 2.91 4.87
C THR A 61 16.07 4.25 5.40
N GLY A 62 16.01 5.23 4.53
CA GLY A 62 16.51 6.59 4.80
C GLY A 62 16.81 7.30 3.50
N VAL A 63 16.60 8.61 3.48
CA VAL A 63 16.93 9.42 2.30
C VAL A 63 18.40 9.28 1.90
N PRO A 64 18.70 9.36 0.59
CA PRO A 64 20.09 9.35 0.19
C PRO A 64 20.87 10.44 0.89
N GLY A 65 22.02 10.10 1.47
CA GLY A 65 22.88 11.08 2.14
C GLY A 65 22.74 11.03 3.65
N VAL A 66 21.76 10.29 4.15
CA VAL A 66 21.52 10.20 5.59
C VAL A 66 22.56 9.38 6.33
N GLY A 67 23.26 8.49 5.64
CA GLY A 67 24.33 7.70 6.28
C GLY A 67 24.02 6.24 6.46
N LYS A 68 23.15 5.74 5.59
CA LYS A 68 22.74 4.35 5.53
C LYS A 68 23.90 3.34 5.27
N SER A 69 24.68 3.53 4.22
CA SER A 69 25.79 2.58 3.96
C SER A 69 26.85 2.62 5.05
N THR A 70 27.15 3.82 5.52
CA THR A 70 28.08 4.00 6.65
C THR A 70 27.57 3.30 7.90
N THR A 71 26.27 3.42 8.18
CA THR A 71 25.74 2.82 9.39
C THR A 71 25.69 1.30 9.26
N ILE A 72 25.33 0.82 8.09
CA ILE A 72 25.34 -0.63 7.88
C ILE A 72 26.75 -1.23 7.99
N ASP A 73 27.73 -0.56 7.39
CA ASP A 73 29.12 -0.99 7.44
C ASP A 73 29.59 -1.14 8.89
N ALA A 74 29.34 -0.12 9.71
CA ALA A 74 29.75 -0.13 11.14
C ALA A 74 28.95 -1.14 11.95
N LEU A 75 27.63 -1.12 11.81
CA LEU A 75 26.79 -2.12 12.46
C LEU A 75 27.12 -3.58 12.07
N GLY A 76 27.23 -3.87 10.78
CA GLY A 76 27.51 -5.25 10.36
C GLY A 76 28.85 -5.75 10.91
N SER A 77 29.84 -4.84 10.92
CA SER A 77 31.18 -5.16 11.45
C SER A 77 31.13 -5.50 12.94
N LEU A 78 30.34 -4.76 13.72
CA LEU A 78 30.17 -5.10 15.13
C LEU A 78 29.59 -6.47 15.23
N LEU A 79 28.63 -6.74 14.35
CA LEU A 79 27.92 -8.00 14.44
C LEU A 79 28.82 -9.13 14.03
N THR A 80 29.58 -8.96 12.95
CA THR A 80 30.52 -10.03 12.54
C THR A 80 31.60 -10.28 13.61
N ALA A 81 32.04 -9.25 14.34
CA ALA A 81 33.07 -9.44 15.40
C ALA A 81 32.54 -10.34 16.50
N ALA A 82 31.23 -10.22 16.76
CA ALA A 82 30.53 -11.03 17.74
C ALA A 82 30.17 -12.41 17.23
N GLY A 83 30.55 -12.77 16.00
CA GLY A 83 30.31 -14.15 15.56
C GLY A 83 29.07 -14.33 14.69
N HIS A 84 28.42 -13.25 14.30
CA HIS A 84 27.29 -13.31 13.38
C HIS A 84 27.76 -13.34 11.96
N LYS A 85 26.95 -13.94 11.09
CA LYS A 85 27.16 -13.92 9.67
C LYS A 85 26.08 -13.02 9.07
N VAL A 86 26.50 -11.99 8.34
CA VAL A 86 25.64 -10.84 8.01
C VAL A 86 25.46 -10.67 6.50
N ALA A 87 24.23 -10.77 6.03
CA ALA A 87 23.96 -10.50 4.64
C ALA A 87 23.34 -9.13 4.45
N VAL A 88 23.72 -8.45 3.39
CA VAL A 88 23.22 -7.16 3.09
C VAL A 88 22.73 -7.18 1.64
N LEU A 89 21.42 -7.02 1.49
CA LEU A 89 20.76 -7.18 0.23
C LEU A 89 20.08 -5.88 -0.06
N ALA A 90 19.69 -5.67 -1.28
CA ALA A 90 19.09 -4.39 -1.63
C ALA A 90 17.84 -4.57 -2.45
N VAL A 91 16.93 -3.60 -2.31
CA VAL A 91 15.79 -3.46 -3.19
C VAL A 91 15.82 -2.08 -3.86
N ASP A 92 16.03 -2.08 -5.17
CA ASP A 92 16.08 -0.84 -5.96
C ASP A 92 14.94 -0.81 -6.95
N PRO A 93 13.94 0.07 -6.73
CA PRO A 93 12.83 0.19 -7.62
C PRO A 93 13.22 0.51 -9.06
N SER A 94 14.36 1.15 -9.28
CA SER A 94 14.83 1.47 -10.63
C SER A 94 15.34 0.23 -11.36
N SER A 95 15.55 -0.86 -10.64
CA SER A 95 15.96 -2.12 -11.29
C SER A 95 14.81 -2.82 -12.07
N THR A 96 13.61 -2.24 -12.05
CA THR A 96 12.56 -2.61 -13.00
C THR A 96 12.79 -1.96 -14.37
N ARG A 97 13.69 -0.98 -14.40
CA ARG A 97 14.03 -0.27 -15.65
C ARG A 97 15.47 -0.51 -16.10
N THR A 98 16.24 -1.26 -15.31
CA THR A 98 17.60 -1.63 -15.70
C THR A 98 17.64 -3.16 -15.79
N GLY A 99 18.82 -3.69 -16.13
CA GLY A 99 19.05 -5.12 -16.08
C GLY A 99 19.55 -5.55 -14.71
N GLY A 100 19.52 -4.65 -13.74
CA GLY A 100 20.16 -4.86 -12.44
C GLY A 100 21.65 -4.57 -12.58
N SER A 101 22.36 -4.51 -11.45
CA SER A 101 23.79 -4.30 -11.49
C SER A 101 24.55 -5.60 -11.33
N ILE A 102 25.71 -5.68 -11.97
CA ILE A 102 26.59 -6.83 -11.81
C ILE A 102 27.43 -6.72 -10.52
N LEU A 103 28.13 -5.60 -10.35
CA LEU A 103 29.02 -5.44 -9.19
C LEU A 103 28.31 -4.85 -7.98
N GLY A 104 27.41 -3.91 -8.23
CA GLY A 104 26.76 -3.16 -7.15
C GLY A 104 27.71 -2.11 -6.63
N ASP A 105 27.30 -1.44 -5.54
CA ASP A 105 28.09 -0.37 -4.93
C ASP A 105 28.64 -0.81 -3.55
N LYS A 106 29.97 -0.81 -3.39
CA LYS A 106 30.59 -1.29 -2.13
C LYS A 106 31.71 -0.40 -1.51
N THR A 107 32.11 0.68 -2.21
CA THR A 107 33.04 1.69 -1.65
C THR A 107 32.49 2.19 -0.33
N ARG A 108 31.17 2.24 -0.30
CA ARG A 108 30.40 2.71 0.84
C ARG A 108 30.49 1.79 2.06
N MET A 109 30.69 0.50 1.83
CA MET A 109 30.85 -0.47 2.90
C MET A 109 32.23 -1.13 2.77
N ALA A 110 33.27 -0.33 2.96
CA ALA A 110 34.66 -0.77 2.77
C ALA A 110 35.04 -1.97 3.62
N ARG A 111 34.73 -1.93 4.90
CA ARG A 111 35.04 -3.08 5.78
C ARG A 111 34.26 -4.34 5.42
N LEU A 112 32.94 -4.23 5.32
CA LEU A 112 32.11 -5.42 5.08
C LEU A 112 32.43 -6.03 3.74
N ALA A 113 32.78 -5.20 2.76
CA ALA A 113 33.06 -5.73 1.41
C ALA A 113 34.20 -6.74 1.39
N ILE A 114 35.11 -6.66 2.36
CA ILE A 114 36.18 -7.66 2.44
C ILE A 114 36.06 -8.68 3.58
N ASP A 115 34.98 -8.59 4.35
CA ASP A 115 34.79 -9.40 5.55
C ASP A 115 34.04 -10.61 5.05
N ARG A 116 34.66 -11.78 5.17
CA ARG A 116 34.11 -13.00 4.61
C ARG A 116 33.01 -13.55 5.54
N ASN A 117 32.78 -12.89 6.68
CA ASN A 117 31.61 -13.16 7.48
C ASN A 117 30.40 -12.39 6.96
N ALA A 118 30.58 -11.49 5.98
CA ALA A 118 29.48 -10.76 5.39
C ALA A 118 29.29 -11.20 3.96
N PHE A 119 28.15 -10.81 3.38
CA PHE A 119 27.79 -11.17 2.00
C PHE A 119 26.83 -10.11 1.46
N ILE A 120 27.31 -9.33 0.51
CA ILE A 120 26.62 -8.16 0.06
C ILE A 120 26.14 -8.40 -1.38
N ARG A 121 24.89 -8.08 -1.67
CA ARG A 121 24.34 -8.27 -3.00
C ARG A 121 23.57 -7.01 -3.40
N PRO A 122 23.73 -6.57 -4.65
CA PRO A 122 22.91 -5.53 -5.22
C PRO A 122 21.49 -6.02 -5.50
N SER A 123 20.60 -5.09 -5.81
CA SER A 123 19.21 -5.42 -6.10
C SER A 123 19.13 -6.28 -7.36
N PRO A 124 18.24 -7.29 -7.37
CA PRO A 124 17.97 -8.04 -8.59
C PRO A 124 17.08 -7.23 -9.49
N SER A 125 16.98 -7.66 -10.74
CA SER A 125 16.13 -7.00 -11.72
C SER A 125 14.93 -7.88 -12.05
N SER A 126 13.78 -7.24 -12.28
CA SER A 126 12.58 -7.93 -12.65
C SER A 126 11.64 -6.95 -13.33
N GLY A 127 10.52 -7.44 -13.81
CA GLY A 127 9.57 -6.65 -14.56
C GLY A 127 8.79 -5.70 -13.70
N THR A 128 8.57 -6.08 -12.43
CA THR A 128 7.78 -5.27 -11.47
C THR A 128 8.49 -5.17 -10.14
N LEU A 129 8.17 -4.12 -9.37
CA LEU A 129 8.76 -3.94 -8.07
C LEU A 129 8.45 -5.16 -7.17
N GLY A 130 7.20 -5.61 -7.17
CA GLY A 130 6.86 -6.84 -6.52
C GLY A 130 7.79 -8.00 -6.88
N GLY A 131 8.19 -8.07 -8.15
CA GLY A 131 9.05 -9.13 -8.65
C GLY A 131 10.48 -9.01 -8.14
N VAL A 132 10.98 -7.78 -8.11
CA VAL A 132 12.30 -7.49 -7.52
C VAL A 132 12.35 -7.94 -6.08
N ALA A 133 11.34 -7.55 -5.31
CA ALA A 133 11.26 -7.85 -3.91
C ALA A 133 11.06 -9.34 -3.66
N ALA A 134 10.24 -9.99 -4.48
CA ALA A 134 10.02 -11.43 -4.38
C ALA A 134 11.33 -12.16 -4.54
N LYS A 135 12.10 -11.75 -5.57
CA LYS A 135 13.46 -12.26 -5.79
C LYS A 135 14.37 -12.04 -4.60
N THR A 136 14.30 -10.87 -3.97
CA THR A 136 15.05 -10.65 -2.74
C THR A 136 14.64 -11.62 -1.60
N ARG A 137 13.33 -11.89 -1.44
CA ARG A 137 12.91 -12.92 -0.50
C ARG A 137 13.54 -14.29 -0.76
N GLU A 138 13.52 -14.76 -2.00
CA GLU A 138 14.20 -16.04 -2.31
C GLU A 138 15.73 -15.97 -2.00
N THR A 139 16.36 -14.83 -2.27
CA THR A 139 17.76 -14.66 -1.95
C THR A 139 17.99 -14.66 -0.43
N MET A 140 17.08 -14.07 0.33
CA MET A 140 17.17 -14.10 1.77
C MET A 140 17.11 -15.52 2.29
N LEU A 141 16.21 -16.34 1.72
CA LEU A 141 16.08 -17.75 2.09
C LEU A 141 17.37 -18.53 1.81
N LEU A 142 17.98 -18.35 0.64
CA LEU A 142 19.24 -19.03 0.32
C LEU A 142 20.33 -18.64 1.32
N CYS A 143 20.44 -17.35 1.63
CA CYS A 143 21.44 -16.90 2.62
C CYS A 143 21.23 -17.59 3.96
N GLU A 144 19.98 -17.59 4.43
CA GLU A 144 19.65 -18.17 5.73
C GLU A 144 20.05 -19.62 5.79
N ALA A 145 19.76 -20.34 4.71
CA ALA A 145 20.08 -21.73 4.59
C ALA A 145 21.59 -21.96 4.57
N ALA A 146 22.34 -21.00 4.07
CA ALA A 146 23.80 -21.09 4.04
C ALA A 146 24.40 -20.75 5.38
N GLY A 147 23.60 -20.24 6.30
CA GLY A 147 24.05 -20.00 7.66
C GLY A 147 24.12 -18.55 8.07
N PHE A 148 23.58 -17.62 7.28
CA PHE A 148 23.52 -16.25 7.70
C PHE A 148 22.38 -16.06 8.67
N ASP A 149 22.67 -15.36 9.77
CA ASP A 149 21.74 -15.22 10.89
C ASP A 149 21.31 -13.80 11.12
N VAL A 150 21.92 -12.86 10.38
CA VAL A 150 21.44 -11.53 10.28
C VAL A 150 21.30 -11.19 8.80
N ILE A 151 20.11 -10.72 8.40
CA ILE A 151 19.84 -10.33 7.02
C ILE A 151 19.38 -8.90 7.03
N LEU A 152 20.16 -7.99 6.45
CA LEU A 152 19.82 -6.58 6.35
C LEU A 152 19.38 -6.27 4.93
N VAL A 153 18.23 -5.64 4.78
CA VAL A 153 17.69 -5.33 3.48
C VAL A 153 17.49 -3.83 3.43
N GLU A 154 18.11 -3.19 2.46
CA GLU A 154 18.03 -1.75 2.35
C GLU A 154 17.32 -1.29 1.10
N THR A 155 16.66 -0.14 1.24
CA THR A 155 16.09 0.53 0.11
C THR A 155 17.21 1.27 -0.61
N VAL A 156 17.14 1.31 -1.94
CA VAL A 156 18.11 2.03 -2.78
C VAL A 156 17.36 3.14 -3.50
N GLY A 157 17.98 4.32 -3.62
CA GLY A 157 17.36 5.46 -4.33
C GLY A 157 16.16 6.06 -3.61
N VAL A 158 15.41 6.88 -4.34
CA VAL A 158 14.30 7.68 -3.77
C VAL A 158 12.90 7.15 -4.09
N GLY A 159 12.81 6.06 -4.86
CA GLY A 159 11.52 5.51 -5.26
C GLY A 159 10.75 4.90 -4.11
N GLN A 160 9.58 4.36 -4.43
CA GLN A 160 8.64 3.85 -3.43
C GLN A 160 8.87 2.36 -3.14
N SER A 161 9.94 2.06 -2.42
CA SER A 161 10.33 0.67 -2.10
C SER A 161 10.21 0.32 -0.63
N GLU A 162 9.77 1.28 0.20
CA GLU A 162 9.76 1.08 1.64
C GLU A 162 8.78 0.02 2.09
N THR A 163 7.60 0.01 1.51
CA THR A 163 6.60 -1.00 1.85
C THR A 163 7.10 -2.39 1.52
N ALA A 164 7.72 -2.51 0.35
CA ALA A 164 8.29 -3.77 -0.12
C ALA A 164 9.39 -4.32 0.82
N VAL A 165 10.28 -3.45 1.30
CA VAL A 165 11.33 -3.84 2.23
C VAL A 165 10.73 -4.18 3.61
N ALA A 166 9.76 -3.37 4.05
CA ALA A 166 9.03 -3.62 5.27
C ALA A 166 8.42 -4.98 5.21
N ASP A 167 7.78 -5.32 4.06
CA ASP A 167 7.15 -6.61 3.86
C ASP A 167 8.13 -7.76 3.58
N LEU A 168 9.43 -7.48 3.57
CA LEU A 168 10.44 -8.53 3.39
C LEU A 168 11.14 -8.87 4.71
N THR A 169 10.93 -8.08 5.76
CA THR A 169 11.73 -8.20 6.96
C THR A 169 10.85 -8.26 8.25
N ASP A 170 11.50 -8.47 9.39
CA ASP A 170 10.78 -8.60 10.69
C ASP A 170 10.68 -7.26 11.38
N PHE A 171 11.62 -6.36 11.07
CA PHE A 171 11.80 -5.10 11.81
C PHE A 171 12.20 -4.05 10.79
N PHE A 172 11.58 -2.88 10.86
CA PHE A 172 11.84 -1.83 9.89
C PHE A 172 12.39 -0.60 10.57
N LEU A 173 13.61 -0.26 10.17
CA LEU A 173 14.42 0.79 10.78
C LEU A 173 14.50 1.95 9.83
N VAL A 174 14.15 3.13 10.31
CA VAL A 174 14.23 4.32 9.51
C VAL A 174 15.37 5.21 10.01
N LEU A 175 16.28 5.61 9.14
CA LEU A 175 17.31 6.56 9.50
C LEU A 175 16.90 7.93 9.07
N MET A 176 17.11 8.90 9.96
CA MET A 176 16.75 10.29 9.68
C MET A 176 17.92 11.24 9.91
N LEU A 177 17.84 12.40 9.27
CA LEU A 177 18.78 13.49 9.48
C LEU A 177 18.53 14.19 10.83
N PRO A 178 19.57 14.79 11.39
CA PRO A 178 19.39 15.58 12.61
C PRO A 178 18.86 16.96 12.27
N GLY A 179 18.35 17.67 13.26
CA GLY A 179 17.84 19.03 13.01
C GLY A 179 16.38 19.08 13.37
N ALA A 180 16.00 20.11 14.12
CA ALA A 180 14.63 20.26 14.61
C ALA A 180 14.08 21.62 14.23
N GLY A 181 12.86 21.91 14.67
CA GLY A 181 12.22 23.17 14.33
C GLY A 181 12.12 23.31 12.83
N ASP A 182 12.44 24.48 12.30
CA ASP A 182 12.33 24.73 10.86
C ASP A 182 13.22 23.81 10.01
N GLU A 183 14.19 23.14 10.63
CA GLU A 183 15.10 22.24 9.93
C GLU A 183 14.75 20.76 10.13
N LEU A 184 13.64 20.48 10.82
CA LEU A 184 13.16 19.10 10.99
C LEU A 184 12.85 18.48 9.64
N GLN A 185 13.57 17.42 9.28
CA GLN A 185 13.36 16.69 8.01
C GLN A 185 11.88 16.34 7.77
N GLY A 186 11.26 15.66 8.71
CA GLY A 186 9.87 15.22 8.55
C GLY A 186 9.78 13.80 8.01
N ILE A 187 8.81 13.03 8.51
CA ILE A 187 8.66 11.64 8.13
C ILE A 187 7.88 11.56 6.82
N LYS A 188 8.51 10.98 5.81
CA LYS A 188 7.91 10.84 4.47
C LYS A 188 6.55 10.12 4.53
N LYS A 189 5.63 10.52 3.66
CA LYS A 189 4.30 9.90 3.58
C LYS A 189 4.41 8.38 3.45
N GLY A 190 3.82 7.66 4.39
CA GLY A 190 3.87 6.19 4.42
C GLY A 190 4.81 5.59 5.46
N ILE A 191 5.90 6.29 5.76
CA ILE A 191 6.98 5.75 6.58
C ILE A 191 6.60 5.63 8.04
N PHE A 192 5.77 6.53 8.52
CA PHE A 192 5.40 6.47 9.92
C PHE A 192 4.79 5.13 10.25
N GLU A 193 3.81 4.68 9.48
CA GLU A 193 3.11 3.44 9.83
C GLU A 193 3.99 2.20 9.72
N LEU A 194 5.03 2.26 8.90
CA LEU A 194 5.96 1.13 8.74
C LEU A 194 7.02 1.05 9.84
N ALA A 195 7.34 2.18 10.46
CA ALA A 195 8.57 2.27 11.24
C ALA A 195 8.47 1.55 12.56
N ASP A 196 9.44 0.67 12.82
CA ASP A 196 9.57 0.01 14.12
C ASP A 196 10.62 0.70 15.00
N MET A 197 11.41 1.61 14.44
CA MET A 197 12.29 2.46 15.23
C MET A 197 12.84 3.52 14.31
N ILE A 198 13.05 4.71 14.85
CA ILE A 198 13.67 5.76 14.10
C ILE A 198 15.04 5.98 14.73
N ALA A 199 16.06 6.14 13.88
CA ALA A 199 17.39 6.47 14.35
C ALA A 199 17.86 7.71 13.68
N VAL A 200 18.01 8.77 14.48
CA VAL A 200 18.52 10.01 13.97
C VAL A 200 20.03 9.83 13.96
N ASN A 201 20.61 9.98 12.77
CA ASN A 201 22.00 9.66 12.56
C ASN A 201 22.78 10.97 12.52
N LYS A 202 24.10 10.86 12.47
CA LYS A 202 25.00 12.02 12.38
C LYS A 202 24.98 12.78 13.70
N ALA A 203 24.81 12.05 14.79
CA ALA A 203 24.75 12.60 16.15
C ALA A 203 26.19 12.67 16.71
N ASP A 204 27.08 13.33 15.98
CA ASP A 204 28.52 13.31 16.28
C ASP A 204 28.78 14.09 17.57
N ASP A 205 29.76 13.63 18.36
CA ASP A 205 30.20 14.37 19.54
C ASP A 205 30.23 15.87 19.23
N GLY A 206 29.55 16.66 20.07
CA GLY A 206 29.40 18.09 19.83
C GLY A 206 28.05 18.50 19.25
N ASP A 207 28.11 19.38 18.23
CA ASP A 207 26.92 20.01 17.64
C ASP A 207 25.97 19.03 16.92
N GLY A 208 26.50 17.90 16.46
CA GLY A 208 25.69 16.88 15.81
C GLY A 208 24.67 16.33 16.78
N GLU A 209 25.16 15.91 17.94
CA GLU A 209 24.35 15.30 18.99
C GLU A 209 23.28 16.24 19.53
N ARG A 210 23.57 17.56 19.56
CA ARG A 210 22.55 18.51 20.01
C ARG A 210 21.42 18.55 19.02
N ARG A 211 21.73 18.68 17.73
CA ARG A 211 20.67 18.78 16.71
C ARG A 211 19.92 17.45 16.55
N ALA A 212 20.64 16.33 16.67
CA ALA A 212 20.02 14.99 16.63
C ALA A 212 19.07 14.72 17.80
N SER A 213 19.49 15.10 19.01
CA SER A 213 18.66 14.97 20.21
C SER A 213 17.41 15.85 20.10
N ALA A 214 17.56 17.04 19.54
CA ALA A 214 16.39 17.88 19.37
C ALA A 214 15.42 17.15 18.43
N ALA A 215 15.91 16.77 17.24
CA ALA A 215 15.06 16.04 16.27
C ALA A 215 14.39 14.88 16.95
N ALA A 216 15.16 14.13 17.73
CA ALA A 216 14.65 12.93 18.34
C ALA A 216 13.40 13.18 19.21
N SER A 217 13.48 14.15 20.13
CA SER A 217 12.36 14.41 21.05
C SER A 217 11.09 14.80 20.28
N GLU A 218 11.26 15.61 19.25
CA GLU A 218 10.22 15.94 18.27
C GLU A 218 9.53 14.67 17.68
N TYR A 219 10.31 13.81 17.03
CA TYR A 219 9.77 12.54 16.51
C TYR A 219 9.12 11.75 17.64
N ARG A 220 9.81 11.67 18.77
CA ARG A 220 9.36 10.84 19.89
C ARG A 220 7.98 11.27 20.43
N ALA A 221 7.77 12.58 20.56
CA ALA A 221 6.47 13.07 21.09
C ALA A 221 5.34 12.79 20.11
N ALA A 222 5.57 13.05 18.82
CA ALA A 222 4.57 12.80 17.78
C ALA A 222 4.15 11.33 17.77
N LEU A 223 5.13 10.44 17.81
CA LEU A 223 4.86 9.00 17.81
C LEU A 223 4.02 8.57 18.99
N HIS A 224 4.30 9.12 20.16
CA HIS A 224 3.50 8.84 21.37
C HIS A 224 2.05 9.16 21.14
N ILE A 225 1.79 10.34 20.58
CA ILE A 225 0.45 10.76 20.19
C ILE A 225 -0.20 9.78 19.19
N LEU A 226 0.55 9.39 18.15
CA LEU A 226 -0.02 8.67 17.00
C LEU A 226 0.06 7.13 17.06
N THR A 227 0.79 6.57 18.02
CA THR A 227 0.91 5.13 18.12
C THR A 227 -0.18 4.57 19.03
N PRO A 228 -1.12 3.79 18.46
CA PRO A 228 -2.11 3.14 19.34
C PRO A 228 -1.41 2.28 20.40
N PRO A 229 -1.95 2.23 21.63
CA PRO A 229 -1.23 1.57 22.74
C PRO A 229 -1.29 0.03 22.74
N SER A 230 -2.12 -0.57 21.89
CA SER A 230 -2.28 -2.02 21.80
C SER A 230 -0.97 -2.77 21.50
N ALA A 231 -0.23 -2.28 20.51
CA ALA A 231 0.99 -2.95 19.98
C ALA A 231 1.93 -3.50 21.05
N THR A 232 2.34 -4.76 20.88
CA THR A 232 3.37 -5.40 21.69
C THR A 232 4.68 -4.60 21.69
N TRP A 233 4.84 -3.76 20.67
CA TRP A 233 6.05 -2.97 20.46
C TRP A 233 5.71 -1.51 20.32
N THR A 234 6.41 -0.67 21.10
CA THR A 234 6.35 0.76 20.92
C THR A 234 7.63 1.17 20.18
N PRO A 235 7.50 1.77 18.99
CA PRO A 235 8.70 2.14 18.27
C PRO A 235 9.53 3.19 18.99
N PRO A 236 10.78 2.85 19.37
CA PRO A 236 11.63 3.87 19.95
C PRO A 236 12.24 4.79 18.93
N VAL A 237 12.60 5.99 19.38
CA VAL A 237 13.49 6.88 18.64
C VAL A 237 14.83 6.90 19.38
N VAL A 238 15.92 6.84 18.61
CA VAL A 238 17.26 6.89 19.16
C VAL A 238 18.14 7.77 18.30
N THR A 239 19.31 8.09 18.82
CA THR A 239 20.29 8.88 18.10
C THR A 239 21.54 8.04 17.93
N ILE A 240 22.24 8.17 16.81
CA ILE A 240 23.42 7.37 16.54
C ILE A 240 24.38 8.19 15.71
N SER A 241 25.62 7.72 15.60
CA SER A 241 26.53 8.19 14.59
C SER A 241 27.10 6.95 13.89
N GLY A 242 26.66 6.71 12.65
CA GLY A 242 27.16 5.61 11.86
C GLY A 242 28.65 5.72 11.67
N LEU A 243 29.12 6.91 11.31
CA LEU A 243 30.53 7.17 11.05
C LEU A 243 31.44 6.93 12.26
N HIS A 244 31.04 7.44 13.43
CA HIS A 244 31.87 7.38 14.64
C HIS A 244 31.48 6.28 15.56
N GLY A 245 30.61 5.36 15.12
CA GLY A 245 30.26 4.16 15.92
C GLY A 245 29.30 4.26 17.11
N LYS A 246 28.85 5.46 17.43
CA LYS A 246 28.02 5.69 18.62
C LYS A 246 26.56 5.26 18.45
N GLY A 247 26.04 4.55 19.44
CA GLY A 247 24.61 4.22 19.50
C GLY A 247 24.26 2.84 18.97
N LEU A 248 25.26 2.13 18.45
CA LEU A 248 25.01 0.98 17.63
C LEU A 248 24.68 -0.28 18.45
N ASP A 249 25.33 -0.47 19.59
CA ASP A 249 25.00 -1.64 20.41
C ASP A 249 23.61 -1.50 20.98
N SER A 250 23.30 -0.28 21.38
CA SER A 250 22.01 0.04 21.93
C SER A 250 20.96 -0.10 20.82
N LEU A 251 21.26 0.43 19.65
CA LEU A 251 20.33 0.29 18.54
C LEU A 251 19.98 -1.19 18.32
N TRP A 252 20.98 -2.05 18.39
CA TRP A 252 20.80 -3.45 18.07
C TRP A 252 20.15 -4.23 19.20
N SER A 253 20.48 -3.84 20.44
CA SER A 253 19.84 -4.44 21.60
C SER A 253 18.32 -4.25 21.55
N ARG A 254 17.88 -3.07 21.12
CA ARG A 254 16.44 -2.87 20.93
C ARG A 254 15.84 -3.82 19.86
N ILE A 255 16.59 -4.03 18.75
CA ILE A 255 16.13 -4.95 17.72
C ILE A 255 16.02 -6.36 18.29
N GLU A 256 16.96 -6.78 19.11
CA GLU A 256 16.90 -8.11 19.72
C GLU A 256 15.74 -8.21 20.72
N ASP A 257 15.47 -7.12 21.41
CA ASP A 257 14.33 -7.07 22.34
C ASP A 257 13.01 -7.30 21.58
N HIS A 258 12.84 -6.58 20.47
CA HIS A 258 11.73 -6.80 19.53
C HIS A 258 11.58 -8.24 19.16
N ARG A 259 12.68 -8.87 18.74
CA ARG A 259 12.59 -10.27 18.32
C ARG A 259 12.14 -11.15 19.50
N SER A 260 12.69 -10.89 20.67
CA SER A 260 12.31 -11.72 21.83
C SER A 260 10.83 -11.55 22.17
N LYS A 261 10.38 -10.31 22.24
CA LYS A 261 8.98 -10.04 22.59
C LYS A 261 8.00 -10.62 21.55
N LEU A 262 8.23 -10.31 20.27
CA LEU A 262 7.29 -10.74 19.21
C LEU A 262 7.38 -12.22 18.86
N THR A 263 8.49 -12.85 19.25
CA THR A 263 8.58 -14.30 19.12
C THR A 263 7.66 -14.95 20.17
N ALA A 264 7.61 -14.35 21.37
CA ALA A 264 6.80 -14.89 22.46
C ALA A 264 5.31 -14.88 22.09
N THR A 265 4.85 -13.80 21.47
CA THR A 265 3.45 -13.64 21.13
C THR A 265 3.09 -14.30 19.79
N GLY A 266 4.09 -14.84 19.10
CA GLY A 266 3.88 -15.54 17.82
C GLY A 266 3.81 -14.59 16.65
N GLU A 267 4.02 -13.30 16.90
CA GLU A 267 3.89 -12.27 15.87
C GLU A 267 5.01 -12.27 14.81
N ILE A 268 6.22 -12.74 15.14
CA ILE A 268 7.27 -12.83 14.12
C ILE A 268 6.80 -13.87 13.07
N ALA A 269 6.43 -15.05 13.53
CA ALA A 269 6.03 -16.12 12.61
C ALA A 269 4.77 -15.80 11.81
N GLY A 270 3.79 -15.16 12.46
CA GLY A 270 2.54 -14.78 11.80
C GLY A 270 2.76 -13.73 10.71
N LYS A 271 3.62 -12.75 10.97
CA LYS A 271 3.95 -11.73 9.98
C LYS A 271 4.68 -12.33 8.75
N ARG A 272 5.60 -13.25 9.00
CA ARG A 272 6.35 -13.91 7.93
C ARG A 272 5.46 -14.69 7.02
N ARG A 273 4.49 -15.40 7.61
CA ARG A 273 3.55 -16.22 6.84
C ARG A 273 2.68 -15.38 5.93
N GLU A 274 2.28 -14.18 6.38
CA GLU A 274 1.54 -13.28 5.49
C GLU A 274 2.41 -12.58 4.43
N GLN A 275 3.66 -12.25 4.78
CA GLN A 275 4.63 -11.76 3.79
C GLN A 275 4.84 -12.81 2.67
N ASP A 276 4.99 -14.07 3.07
CA ASP A 276 5.25 -15.17 2.12
C ASP A 276 4.13 -15.33 1.07
N VAL A 277 2.89 -15.33 1.54
CA VAL A 277 1.72 -15.38 0.66
C VAL A 277 1.73 -14.15 -0.26
N LYS A 278 1.98 -12.98 0.30
CA LYS A 278 2.11 -11.77 -0.52
CA LYS A 278 2.13 -11.75 -0.51
C LYS A 278 3.18 -11.89 -1.60
N TRP A 279 4.34 -12.49 -1.29
CA TRP A 279 5.39 -12.66 -2.33
C TRP A 279 4.99 -13.69 -3.34
N MET A 280 4.26 -14.71 -2.89
CA MET A 280 3.72 -15.73 -3.81
C MET A 280 2.82 -15.04 -4.82
N TRP A 281 1.91 -14.16 -4.36
CA TRP A 281 1.06 -13.44 -5.30
C TRP A 281 1.80 -12.46 -6.17
N ALA A 282 2.75 -11.71 -5.60
CA ALA A 282 3.63 -10.85 -6.44
C ALA A 282 4.24 -11.64 -7.61
N LEU A 283 4.73 -12.83 -7.35
CA LEU A 283 5.30 -13.66 -8.38
C LEU A 283 4.26 -14.10 -9.42
N VAL A 284 3.07 -14.49 -8.96
CA VAL A 284 1.98 -14.77 -9.89
C VAL A 284 1.77 -13.54 -10.76
N HIS A 285 1.77 -12.33 -10.18
CA HIS A 285 1.51 -11.12 -10.99
C HIS A 285 2.68 -10.72 -11.88
N GLU A 286 3.91 -11.09 -11.50
CA GLU A 286 5.07 -10.85 -12.35
C GLU A 286 4.99 -11.74 -13.61
N ARG A 287 4.55 -12.99 -13.48
CA ARG A 287 4.36 -13.82 -14.67
C ARG A 287 3.33 -13.20 -15.59
N LEU A 288 2.23 -12.72 -15.02
CA LEU A 288 1.19 -12.11 -15.85
C LEU A 288 1.79 -10.96 -16.65
N HIS A 289 2.45 -10.04 -15.96
CA HIS A 289 3.20 -8.95 -16.58
C HIS A 289 4.20 -9.35 -17.66
N GLN A 290 4.96 -10.41 -17.43
CA GLN A 290 5.92 -10.89 -18.44
C GLN A 290 5.18 -11.19 -19.73
N ARG A 291 4.06 -11.90 -19.63
CA ARG A 291 3.19 -12.23 -20.76
C ARG A 291 2.72 -10.98 -21.55
N LEU A 292 2.68 -9.83 -20.89
CA LEU A 292 2.24 -8.62 -21.54
C LEU A 292 3.37 -7.84 -22.20
N VAL A 293 4.61 -8.31 -22.03
CA VAL A 293 5.77 -7.77 -22.73
C VAL A 293 6.41 -8.85 -23.64
N GLY A 294 5.66 -9.91 -23.91
CA GLY A 294 6.20 -11.06 -24.65
C GLY A 294 6.53 -10.83 -26.11
N SER A 295 5.95 -9.78 -26.69
CA SER A 295 6.28 -9.36 -28.05
C SER A 295 6.09 -7.86 -28.16
N ALA A 296 6.58 -7.31 -29.28
CA ALA A 296 6.47 -5.88 -29.53
C ALA A 296 5.01 -5.47 -29.67
N GLU A 297 4.24 -6.25 -30.43
CA GLU A 297 2.83 -5.95 -30.73
C GLU A 297 2.00 -5.94 -29.47
N VAL A 298 2.27 -6.86 -28.57
CA VAL A 298 1.53 -6.95 -27.33
C VAL A 298 1.94 -5.85 -26.35
N ARG A 299 3.24 -5.53 -26.20
CA ARG A 299 3.63 -4.40 -25.35
C ARG A 299 3.07 -3.09 -25.86
N GLN A 300 3.13 -2.92 -27.16
CA GLN A 300 2.50 -1.80 -27.84
C GLN A 300 1.02 -1.67 -27.44
N ALA A 301 0.27 -2.75 -27.61
CA ALA A 301 -1.17 -2.77 -27.31
C ALA A 301 -1.45 -2.49 -25.86
N THR A 302 -0.70 -3.17 -24.98
CA THR A 302 -0.75 -2.92 -23.56
C THR A 302 -0.51 -1.47 -23.19
N ALA A 303 0.56 -0.89 -23.72
CA ALA A 303 0.91 0.48 -23.38
C ALA A 303 -0.16 1.45 -23.89
N GLU A 304 -0.72 1.12 -25.05
CA GLU A 304 -1.76 1.94 -25.64
C GLU A 304 -3.01 1.91 -24.76
N ALA A 305 -3.41 0.72 -24.35
CA ALA A 305 -4.49 0.57 -23.37
C ALA A 305 -4.22 1.44 -22.12
N GLU A 306 -3.05 1.31 -21.52
CA GLU A 306 -2.77 2.04 -20.28
C GLU A 306 -2.78 3.57 -20.54
N ARG A 307 -2.17 3.98 -21.63
CA ARG A 307 -2.20 5.37 -22.10
CA ARG A 307 -2.18 5.38 -22.05
C ARG A 307 -3.62 5.91 -22.18
N ALA A 308 -4.53 5.09 -22.71
CA ALA A 308 -5.93 5.49 -22.88
C ALA A 308 -6.56 5.77 -21.51
N VAL A 309 -6.21 4.98 -20.50
CA VAL A 309 -6.79 5.14 -19.19
C VAL A 309 -6.16 6.31 -18.47
N ALA A 310 -4.83 6.39 -18.49
CA ALA A 310 -4.13 7.51 -17.86
C ALA A 310 -4.45 8.85 -18.51
N GLY A 311 -4.89 8.82 -19.76
CA GLY A 311 -5.10 10.03 -20.53
C GLY A 311 -6.50 10.54 -20.34
N GLY A 312 -7.33 9.73 -19.69
CA GLY A 312 -8.72 10.07 -19.50
C GLY A 312 -9.47 10.02 -20.83
N GLU A 313 -9.10 9.07 -21.67
CA GLU A 313 -9.76 8.85 -22.95
C GLU A 313 -10.70 7.68 -22.83
N HIS A 314 -10.35 6.65 -22.05
CA HIS A 314 -11.22 5.49 -21.83
C HIS A 314 -11.23 5.08 -20.38
N SER A 315 -12.24 4.30 -20.00
CA SER A 315 -12.51 3.92 -18.61
C SER A 315 -11.55 2.81 -18.13
N PRO A 316 -11.27 2.75 -16.82
CA PRO A 316 -10.37 1.70 -16.33
C PRO A 316 -10.79 0.29 -16.71
N ALA A 317 -12.09 0.02 -16.60
CA ALA A 317 -12.61 -1.31 -16.94
C ALA A 317 -12.48 -1.61 -18.44
N ALA A 318 -12.59 -0.56 -19.27
CA ALA A 318 -12.38 -0.73 -20.71
C ALA A 318 -10.91 -1.00 -20.99
N GLY A 319 -10.01 -0.28 -20.32
CA GLY A 319 -8.58 -0.63 -20.39
C GLY A 319 -8.27 -2.06 -19.99
N ALA A 320 -8.84 -2.48 -18.87
CA ALA A 320 -8.62 -3.83 -18.34
C ALA A 320 -9.17 -4.92 -19.27
N ASP A 321 -10.26 -4.61 -19.97
CA ASP A 321 -10.84 -5.55 -20.95
C ASP A 321 -9.93 -5.66 -22.18
N ALA A 322 -9.41 -4.54 -22.65
CA ALA A 322 -8.46 -4.56 -23.75
C ALA A 322 -7.23 -5.36 -23.35
N ILE A 323 -6.65 -5.03 -22.19
CA ILE A 323 -5.53 -5.81 -21.65
C ILE A 323 -5.84 -7.29 -21.58
N ALA A 324 -7.03 -7.64 -21.10
CA ALA A 324 -7.35 -9.04 -20.81
C ALA A 324 -7.40 -9.92 -22.07
N THR A 325 -7.88 -9.35 -23.17
CA THR A 325 -7.82 -9.94 -24.50
C THR A 325 -6.40 -10.26 -24.97
N LEU A 326 -5.52 -9.28 -24.83
CA LEU A 326 -4.12 -9.44 -25.24
C LEU A 326 -3.45 -10.62 -24.55
N ILE A 327 -3.97 -11.01 -23.39
CA ILE A 327 -3.41 -12.14 -22.65
C ILE A 327 -4.05 -13.44 -23.10
N GLY A 328 -5.33 -13.38 -23.47
CA GLY A 328 -6.15 -14.57 -23.65
C GLY A 328 -6.74 -14.89 -22.30
N LEU A 329 -7.45 -13.91 -21.75
CA LEU A 329 -7.96 -13.94 -20.37
C LEU A 329 -9.33 -13.29 -20.28
N ASP B 7 -32.95 -1.17 -23.28
CA ASP B 7 -32.26 -0.53 -24.41
C ASP B 7 -31.16 0.35 -23.84
N MET B 8 -29.92 0.09 -24.26
CA MET B 8 -28.74 0.76 -23.68
C MET B 8 -28.57 2.19 -24.17
N ASP B 9 -29.13 2.48 -25.33
CA ASP B 9 -29.07 3.82 -25.90
C ASP B 9 -29.98 4.72 -25.12
N THR B 10 -31.15 4.19 -24.79
CA THR B 10 -32.08 4.92 -23.98
C THR B 10 -31.55 5.00 -22.56
N LEU B 11 -31.00 3.90 -22.05
CA LEU B 11 -30.47 3.97 -20.69
C LEU B 11 -29.46 5.11 -20.60
N ARG B 12 -28.52 5.12 -21.55
CA ARG B 12 -27.52 6.18 -21.63
C ARG B 12 -28.16 7.56 -21.65
N GLU B 13 -29.09 7.79 -22.59
CA GLU B 13 -29.78 9.08 -22.75
CA GLU B 13 -29.66 9.11 -22.73
C GLU B 13 -30.33 9.55 -21.44
N ARG B 14 -31.12 8.66 -20.83
CA ARG B 14 -31.82 9.04 -19.61
C ARG B 14 -30.84 9.17 -18.45
N LEU B 15 -29.79 8.36 -18.45
CA LEU B 15 -28.76 8.53 -17.43
C LEU B 15 -28.12 9.90 -17.55
N LEU B 16 -27.73 10.30 -18.75
CA LEU B 16 -27.22 11.66 -18.99
C LEU B 16 -28.21 12.73 -18.61
N ALA B 17 -29.50 12.44 -18.79
CA ALA B 17 -30.55 13.39 -18.44
C ALA B 17 -30.84 13.45 -16.97
N GLY B 18 -30.18 12.61 -16.17
CA GLY B 18 -30.23 12.75 -14.70
C GLY B 18 -31.30 11.85 -14.07
N ASP B 19 -31.85 10.95 -14.87
CA ASP B 19 -32.90 10.00 -14.47
C ASP B 19 -32.41 8.95 -13.44
N ARG B 20 -32.84 9.12 -12.19
CA ARG B 20 -32.48 8.26 -11.07
C ARG B 20 -32.64 6.78 -11.34
N ALA B 21 -33.70 6.37 -12.06
CA ALA B 21 -33.92 4.93 -12.33
C ALA B 21 -32.95 4.33 -13.34
N ALA B 22 -32.65 5.10 -14.38
CA ALA B 22 -31.62 4.72 -15.36
C ALA B 22 -30.19 4.58 -14.73
N LEU B 23 -29.82 5.52 -13.87
CA LEU B 23 -28.58 5.47 -13.10
C LEU B 23 -28.51 4.20 -12.22
N ALA B 24 -29.56 3.97 -11.43
CA ALA B 24 -29.63 2.78 -10.58
C ALA B 24 -29.46 1.50 -11.37
N ARG B 25 -30.03 1.46 -12.56
CA ARG B 25 -29.96 0.28 -13.44
C ARG B 25 -28.60 0.10 -14.10
N ALA B 26 -27.97 1.20 -14.52
CA ALA B 26 -26.63 1.11 -15.08
C ALA B 26 -25.68 0.55 -14.01
N ILE B 27 -25.81 1.09 -12.80
CA ILE B 27 -24.99 0.62 -11.68
C ILE B 27 -25.15 -0.87 -11.42
N THR B 28 -26.38 -1.33 -11.29
CA THR B 28 -26.68 -2.77 -11.12
C THR B 28 -25.86 -3.62 -12.06
N LEU B 29 -25.85 -3.27 -13.35
CA LEU B 29 -25.09 -4.01 -14.36
C LEU B 29 -23.56 -3.89 -14.17
N ALA B 30 -23.10 -2.72 -13.73
CA ALA B 30 -21.66 -2.49 -13.56
C ALA B 30 -21.13 -3.24 -12.35
N GLU B 31 -21.96 -3.32 -11.31
CA GLU B 31 -21.67 -4.13 -10.10
C GLU B 31 -21.91 -5.63 -10.27
N SER B 32 -22.60 -6.06 -11.34
CA SER B 32 -22.92 -7.48 -11.52
C SER B 32 -21.67 -8.40 -11.42
N ARG B 33 -21.87 -9.59 -10.85
CA ARG B 33 -20.84 -10.64 -10.86
C ARG B 33 -20.97 -11.56 -12.09
N ARG B 34 -21.91 -11.26 -12.98
CA ARG B 34 -21.99 -11.89 -14.31
C ARG B 34 -21.14 -11.12 -15.33
N ALA B 35 -20.30 -11.84 -16.06
CA ALA B 35 -19.40 -11.19 -17.01
C ALA B 35 -20.16 -10.55 -18.17
N ASP B 36 -21.25 -11.20 -18.61
CA ASP B 36 -22.05 -10.71 -19.75
C ASP B 36 -22.75 -9.36 -19.45
N HIS B 37 -23.18 -9.18 -18.19
CA HIS B 37 -23.78 -7.91 -17.74
C HIS B 37 -22.76 -6.80 -17.67
N ARG B 38 -21.61 -7.12 -17.08
CA ARG B 38 -20.54 -6.15 -16.96
C ARG B 38 -20.09 -5.61 -18.33
N ALA B 39 -19.93 -6.50 -19.31
CA ALA B 39 -19.57 -6.08 -20.66
C ALA B 39 -20.62 -5.13 -21.22
N ALA B 40 -21.88 -5.53 -21.08
CA ALA B 40 -22.98 -4.80 -21.69
C ALA B 40 -22.90 -3.28 -21.43
N VAL B 41 -22.49 -2.88 -20.22
CA VAL B 41 -22.46 -1.45 -19.85
C VAL B 41 -21.05 -0.86 -19.84
N ARG B 42 -20.10 -1.55 -20.47
CA ARG B 42 -18.73 -1.04 -20.55
C ARG B 42 -18.64 0.06 -21.55
N ASP B 43 -19.32 -0.13 -22.67
CA ASP B 43 -19.38 0.90 -23.66
C ASP B 43 -20.15 2.13 -23.18
N LEU B 44 -21.18 1.91 -22.36
CA LEU B 44 -21.99 3.01 -21.90
C LEU B 44 -21.13 3.92 -21.00
N ILE B 45 -20.41 3.33 -20.05
CA ILE B 45 -19.59 4.14 -19.15
C ILE B 45 -18.52 4.89 -19.95
N ASP B 46 -17.87 4.16 -20.84
CA ASP B 46 -16.91 4.73 -21.76
C ASP B 46 -17.53 5.86 -22.57
N ALA B 47 -18.78 5.69 -23.00
CA ALA B 47 -19.43 6.68 -23.85
C ALA B 47 -19.74 7.95 -23.08
N VAL B 48 -20.00 7.84 -21.79
CA VAL B 48 -20.36 9.01 -20.99
C VAL B 48 -19.18 9.60 -20.22
N LEU B 49 -17.98 9.09 -20.48
CA LEU B 49 -16.77 9.50 -19.75
C LEU B 49 -16.53 10.99 -19.85
N PRO B 50 -16.80 11.60 -21.02
CA PRO B 50 -16.62 13.06 -21.08
C PRO B 50 -17.58 13.86 -20.21
N GLN B 51 -18.66 13.27 -19.71
CA GLN B 51 -19.52 13.96 -18.76
C GLN B 51 -19.15 13.67 -17.28
N THR B 52 -18.03 12.96 -17.06
CA THR B 52 -17.65 12.58 -15.70
C THR B 52 -16.63 13.58 -15.17
N GLY B 53 -16.30 13.50 -13.90
CA GLY B 53 -15.20 14.26 -13.36
C GLY B 53 -15.50 15.62 -12.79
N ARG B 54 -16.69 16.18 -13.01
CA ARG B 54 -17.01 17.52 -12.51
C ARG B 54 -17.71 17.36 -11.18
N ALA B 55 -16.94 16.89 -10.22
CA ALA B 55 -17.45 16.59 -8.92
C ALA B 55 -16.29 16.64 -7.97
N ILE B 56 -16.63 16.79 -6.70
CA ILE B 56 -15.66 16.75 -5.63
C ILE B 56 -15.85 15.37 -5.08
N ARG B 57 -14.77 14.58 -5.05
CA ARG B 57 -14.80 13.23 -4.47
C ARG B 57 -14.07 13.26 -3.12
N VAL B 58 -14.79 12.91 -2.06
CA VAL B 58 -14.26 12.91 -0.73
C VAL B 58 -14.38 11.53 -0.14
N GLY B 59 -13.27 10.99 0.35
CA GLY B 59 -13.33 9.75 1.10
C GLY B 59 -13.45 10.04 2.58
N ILE B 60 -14.26 9.29 3.31
CA ILE B 60 -14.50 9.59 4.71
C ILE B 60 -14.38 8.34 5.54
N THR B 61 -13.60 8.45 6.63
CA THR B 61 -13.41 7.32 7.49
C THR B 61 -13.42 7.74 8.95
N GLY B 62 -13.54 6.73 9.78
CA GLY B 62 -13.41 6.80 11.22
C GLY B 62 -13.95 5.50 11.81
N VAL B 63 -13.48 5.13 13.00
CA VAL B 63 -14.05 4.01 13.78
C VAL B 63 -15.59 3.97 13.83
N PRO B 64 -16.18 2.75 13.93
CA PRO B 64 -17.60 2.69 14.36
C PRO B 64 -17.81 3.39 15.72
N GLY B 65 -18.85 4.22 15.83
CA GLY B 65 -19.10 4.97 17.07
C GLY B 65 -18.70 6.44 17.06
N VAL B 66 -17.77 6.80 16.18
CA VAL B 66 -17.53 8.21 15.90
C VAL B 66 -18.74 8.56 15.05
N GLY B 67 -19.28 9.77 15.16
CA GLY B 67 -20.56 10.07 14.49
C GLY B 67 -20.52 10.13 12.98
N LYS B 68 -20.17 9.03 12.33
CA LYS B 68 -19.84 9.06 10.90
C LYS B 68 -21.10 9.22 10.04
N SER B 69 -22.01 8.27 10.13
CA SER B 69 -23.25 8.34 9.38
C SER B 69 -24.03 9.61 9.71
N THR B 70 -24.06 9.96 11.00
CA THR B 70 -24.65 11.22 11.47
C THR B 70 -23.98 12.43 10.85
N THR B 71 -22.65 12.40 10.80
CA THR B 71 -21.92 13.54 10.25
C THR B 71 -22.20 13.61 8.76
N ILE B 72 -22.22 12.46 8.08
CA ILE B 72 -22.54 12.42 6.68
C ILE B 72 -23.97 12.90 6.36
N ASP B 73 -24.94 12.42 7.14
CA ASP B 73 -26.34 12.84 6.96
C ASP B 73 -26.45 14.35 7.03
N ALA B 74 -25.78 14.94 8.03
CA ALA B 74 -25.86 16.38 8.24
C ALA B 74 -25.10 17.14 7.16
N LEU B 75 -23.87 16.71 6.87
CA LEU B 75 -23.09 17.38 5.85
C LEU B 75 -23.77 17.27 4.49
N GLY B 76 -24.22 16.08 4.18
CA GLY B 76 -24.93 15.85 2.91
C GLY B 76 -26.18 16.70 2.77
N SER B 77 -26.94 16.84 3.85
CA SER B 77 -28.18 17.66 3.83
C SER B 77 -27.88 19.13 3.63
N LEU B 78 -26.79 19.61 4.24
CA LEU B 78 -26.40 20.99 4.01
C LEU B 78 -26.13 21.20 2.54
N LEU B 79 -25.46 20.23 1.92
CA LEU B 79 -25.07 20.37 0.54
C LEU B 79 -26.26 20.27 -0.41
N THR B 80 -27.18 19.34 -0.17
CA THR B 80 -28.39 19.26 -1.02
C THR B 80 -29.25 20.55 -0.90
N ALA B 81 -29.27 21.15 0.27
CA ALA B 81 -30.01 22.42 0.49
C ALA B 81 -29.44 23.52 -0.36
N ALA B 82 -28.11 23.53 -0.54
CA ALA B 82 -27.46 24.50 -1.40
C ALA B 82 -27.46 24.10 -2.88
N GLY B 83 -28.17 23.08 -3.28
CA GLY B 83 -28.29 22.78 -4.71
C GLY B 83 -27.39 21.67 -5.26
N HIS B 84 -26.56 21.06 -4.42
CA HIS B 84 -25.70 19.94 -4.86
C HIS B 84 -26.48 18.68 -4.96
N LYS B 85 -25.97 17.77 -5.75
CA LYS B 85 -26.50 16.43 -5.81
C LYS B 85 -25.39 15.54 -5.31
N VAL B 86 -25.71 14.75 -4.29
CA VAL B 86 -24.71 14.11 -3.43
C VAL B 86 -24.86 12.61 -3.45
N ALA B 87 -23.80 11.92 -3.85
CA ALA B 87 -23.80 10.44 -3.80
C ALA B 87 -23.04 9.96 -2.57
N VAL B 88 -23.54 8.92 -1.94
CA VAL B 88 -22.80 8.31 -0.84
C VAL B 88 -22.64 6.81 -1.13
N LEU B 89 -21.39 6.43 -1.38
CA LEU B 89 -21.08 5.07 -1.75
C LEU B 89 -20.24 4.46 -0.62
N ALA B 90 -20.48 3.19 -0.33
CA ALA B 90 -19.72 2.49 0.71
C ALA B 90 -18.68 1.53 0.12
N VAL B 91 -17.59 1.35 0.83
CA VAL B 91 -16.63 0.29 0.51
C VAL B 91 -16.42 -0.55 1.76
N ASP B 92 -16.75 -1.84 1.64
CA ASP B 92 -16.73 -2.73 2.79
C ASP B 92 -16.00 -4.01 2.36
N PRO B 93 -14.83 -4.28 2.92
CA PRO B 93 -14.08 -5.47 2.52
C PRO B 93 -14.78 -6.80 2.75
N SER B 94 -15.76 -6.83 3.65
CA SER B 94 -16.59 -8.03 3.85
C SER B 94 -17.41 -8.40 2.61
N SER B 95 -17.63 -7.45 1.71
CA SER B 95 -18.39 -7.75 0.53
C SER B 95 -17.61 -8.65 -0.46
N THR B 96 -16.33 -8.93 -0.20
CA THR B 96 -15.60 -9.99 -0.91
C THR B 96 -16.00 -11.39 -0.43
N ARG B 97 -16.94 -11.48 0.52
CA ARG B 97 -17.37 -12.78 1.05
C ARG B 97 -18.88 -12.91 1.24
N THR B 98 -19.68 -12.00 0.68
CA THR B 98 -21.12 -12.01 1.01
C THR B 98 -22.10 -12.05 -0.16
N GLY B 99 -21.68 -11.59 -1.35
CA GLY B 99 -22.61 -11.39 -2.46
C GLY B 99 -23.17 -9.98 -2.56
N GLY B 100 -22.84 -9.12 -1.59
CA GLY B 100 -23.33 -7.73 -1.57
C GLY B 100 -24.65 -7.57 -0.83
N SER B 101 -25.32 -6.45 -1.00
CA SER B 101 -26.57 -6.19 -0.31
C SER B 101 -27.61 -5.62 -1.28
N ILE B 102 -28.82 -6.16 -1.23
CA ILE B 102 -29.91 -5.72 -2.09
C ILE B 102 -30.40 -4.31 -1.73
N LEU B 103 -30.71 -4.10 -0.47
CA LEU B 103 -31.25 -2.80 -0.05
C LEU B 103 -30.27 -1.96 0.79
N GLY B 104 -29.15 -2.54 1.21
CA GLY B 104 -28.17 -1.80 2.02
C GLY B 104 -28.77 -1.23 3.30
N ASP B 105 -28.17 -0.16 3.80
CA ASP B 105 -28.50 0.37 5.12
C ASP B 105 -28.59 1.89 5.00
N LYS B 106 -29.63 2.33 4.30
CA LYS B 106 -29.79 3.72 3.87
C LYS B 106 -30.16 4.59 5.07
N THR B 107 -30.91 3.99 5.99
CA THR B 107 -31.57 4.70 7.08
C THR B 107 -30.65 4.99 8.27
N ARG B 108 -29.41 4.57 8.19
CA ARG B 108 -28.41 5.11 9.09
C ARG B 108 -28.22 6.62 8.82
N MET B 109 -28.71 7.08 7.67
CA MET B 109 -28.67 8.49 7.31
C MET B 109 -30.10 8.90 6.99
N ALA B 110 -30.85 9.27 8.05
CA ALA B 110 -32.32 9.36 8.01
C ALA B 110 -32.83 10.35 6.97
N ARG B 111 -32.28 11.56 7.00
CA ARG B 111 -32.68 12.62 6.07
C ARG B 111 -32.27 12.30 4.62
N LEU B 112 -31.00 11.94 4.42
CA LEU B 112 -30.52 11.73 3.05
C LEU B 112 -31.25 10.59 2.43
N ALA B 113 -31.58 9.58 3.24
CA ALA B 113 -32.25 8.40 2.74
C ALA B 113 -33.53 8.75 1.96
N ILE B 114 -34.17 9.87 2.27
CA ILE B 114 -35.40 10.26 1.54
C ILE B 114 -35.27 11.49 0.63
N ASP B 115 -34.06 12.04 0.53
CA ASP B 115 -33.78 13.22 -0.26
C ASP B 115 -33.44 12.75 -1.68
N ARG B 116 -34.29 13.09 -2.66
CA ARG B 116 -34.05 12.69 -4.04
CA ARG B 116 -34.04 12.65 -4.02
C ARG B 116 -32.88 13.46 -4.67
N ASN B 117 -32.25 14.35 -3.89
CA ASN B 117 -31.04 15.05 -4.33
C ASN B 117 -29.85 14.24 -3.84
N ALA B 118 -30.11 13.07 -3.24
CA ALA B 118 -29.08 12.17 -2.78
C ALA B 118 -29.29 10.80 -3.38
N PHE B 119 -28.23 10.00 -3.26
CA PHE B 119 -28.19 8.69 -3.86
C PHE B 119 -27.16 7.88 -3.08
N ILE B 120 -27.67 6.83 -2.44
CA ILE B 120 -26.92 6.08 -1.46
C ILE B 120 -26.83 4.65 -1.92
N ARG B 121 -25.61 4.13 -1.95
CA ARG B 121 -25.37 2.78 -2.38
C ARG B 121 -24.47 2.03 -1.42
N PRO B 122 -24.80 0.75 -1.18
CA PRO B 122 -23.96 -0.10 -0.35
C PRO B 122 -22.79 -0.67 -1.16
N SER B 123 -21.87 -1.33 -0.46
CA SER B 123 -20.65 -1.85 -1.08
C SER B 123 -20.96 -2.94 -2.13
N PRO B 124 -20.39 -2.82 -3.36
CA PRO B 124 -20.57 -3.92 -4.33
C PRO B 124 -19.80 -5.18 -3.96
N SER B 125 -20.14 -6.29 -4.58
CA SER B 125 -19.49 -7.55 -4.33
C SER B 125 -18.47 -7.80 -5.43
N SER B 126 -17.42 -8.53 -5.10
CA SER B 126 -16.41 -8.90 -6.05
C SER B 126 -15.47 -9.88 -5.34
N GLY B 127 -14.50 -10.41 -6.08
CA GLY B 127 -13.60 -11.42 -5.56
C GLY B 127 -12.55 -10.86 -4.63
N THR B 128 -12.06 -9.64 -4.93
CA THR B 128 -10.95 -9.04 -4.19
C THR B 128 -11.33 -7.64 -3.78
N LEU B 129 -10.61 -7.08 -2.80
CA LEU B 129 -10.87 -5.72 -2.35
C LEU B 129 -10.65 -4.76 -3.51
N GLY B 130 -9.57 -4.99 -4.27
CA GLY B 130 -9.28 -4.26 -5.51
C GLY B 130 -10.48 -4.20 -6.45
N GLY B 131 -11.21 -5.31 -6.57
CA GLY B 131 -12.38 -5.41 -7.42
C GLY B 131 -13.56 -4.63 -6.86
N VAL B 132 -13.75 -4.70 -5.54
CA VAL B 132 -14.78 -3.92 -4.89
C VAL B 132 -14.52 -2.46 -5.13
N ALA B 133 -13.29 -2.01 -4.90
CA ALA B 133 -12.97 -0.63 -5.12
C ALA B 133 -13.08 -0.22 -6.59
N ALA B 134 -12.64 -1.06 -7.51
CA ALA B 134 -12.71 -0.71 -8.93
C ALA B 134 -14.14 -0.57 -9.38
N LYS B 135 -15.03 -1.48 -8.92
CA LYS B 135 -16.44 -1.40 -9.29
C LYS B 135 -17.02 -0.12 -8.72
N THR B 136 -16.57 0.28 -7.52
CA THR B 136 -16.95 1.57 -6.94
C THR B 136 -16.49 2.77 -7.80
N ARG B 137 -15.28 2.75 -8.36
CA ARG B 137 -14.89 3.80 -9.28
C ARG B 137 -15.87 3.92 -10.46
N GLU B 138 -16.21 2.78 -11.08
CA GLU B 138 -17.13 2.80 -12.22
C GLU B 138 -18.49 3.42 -11.80
N THR B 139 -18.93 3.11 -10.59
CA THR B 139 -20.19 3.60 -10.08
C THR B 139 -20.11 5.09 -9.82
N MET B 140 -18.96 5.54 -9.33
CA MET B 140 -18.74 6.97 -9.20
C MET B 140 -18.85 7.67 -10.57
N LEU B 141 -18.32 7.06 -11.62
CA LEU B 141 -18.34 7.69 -12.93
C LEU B 141 -19.78 7.82 -13.43
N LEU B 142 -20.62 6.83 -13.15
CA LEU B 142 -22.02 6.88 -13.57
C LEU B 142 -22.75 7.97 -12.80
N CYS B 143 -22.55 8.04 -11.51
CA CYS B 143 -23.15 9.10 -10.72
C CYS B 143 -22.80 10.47 -11.31
N GLU B 144 -21.51 10.71 -11.57
CA GLU B 144 -21.06 11.99 -12.11
C GLU B 144 -21.73 12.30 -13.45
N ALA B 145 -21.80 11.31 -14.34
CA ALA B 145 -22.44 11.46 -15.62
C ALA B 145 -23.93 11.77 -15.52
N ALA B 146 -24.56 11.33 -14.44
CA ALA B 146 -25.96 11.63 -14.16
C ALA B 146 -26.12 12.93 -13.40
N GLY B 147 -25.04 13.64 -13.12
CA GLY B 147 -25.17 14.97 -12.59
C GLY B 147 -24.90 15.13 -11.11
N PHE B 148 -24.32 14.13 -10.48
CA PHE B 148 -23.91 14.29 -9.09
C PHE B 148 -22.57 14.96 -9.03
N ASP B 149 -22.51 16.05 -8.25
CA ASP B 149 -21.35 16.90 -8.19
C ASP B 149 -20.64 16.78 -6.88
N VAL B 150 -21.20 16.03 -5.93
CA VAL B 150 -20.46 15.65 -4.73
C VAL B 150 -20.53 14.14 -4.58
N ILE B 151 -19.38 13.47 -4.53
CA ILE B 151 -19.33 12.04 -4.36
C ILE B 151 -18.61 11.72 -3.07
N LEU B 152 -19.37 11.19 -2.11
CA LEU B 152 -18.79 10.79 -0.84
C LEU B 152 -18.62 9.29 -0.82
N VAL B 153 -17.41 8.85 -0.48
CA VAL B 153 -17.11 7.43 -0.41
C VAL B 153 -16.67 7.13 1.00
N GLU B 154 -17.38 6.23 1.66
CA GLU B 154 -17.05 5.95 3.05
C GLU B 154 -16.62 4.52 3.26
N THR B 155 -15.71 4.36 4.22
CA THR B 155 -15.26 3.06 4.67
C THR B 155 -16.35 2.51 5.58
N VAL B 156 -16.78 1.29 5.36
CA VAL B 156 -17.68 0.66 6.33
C VAL B 156 -17.15 -0.71 6.75
N GLY B 157 -17.51 -1.18 7.94
CA GLY B 157 -16.98 -2.43 8.48
C GLY B 157 -15.66 -2.24 9.22
N VAL B 158 -14.99 -3.34 9.54
CA VAL B 158 -13.76 -3.26 10.37
C VAL B 158 -12.46 -3.59 9.60
N GLY B 159 -12.59 -4.16 8.40
CA GLY B 159 -11.42 -4.50 7.56
C GLY B 159 -10.63 -3.32 7.01
N GLN B 160 -9.63 -3.62 6.18
CA GLN B 160 -8.70 -2.59 5.68
C GLN B 160 -9.18 -1.93 4.37
N SER B 161 -10.08 -0.94 4.46
CA SER B 161 -10.59 -0.26 3.25
C SER B 161 -10.08 1.16 3.11
N GLU B 162 -9.29 1.62 4.10
CA GLU B 162 -8.97 3.02 4.14
C GLU B 162 -8.13 3.45 2.97
N THR B 163 -7.13 2.62 2.62
CA THR B 163 -6.22 2.95 1.53
C THR B 163 -6.95 2.95 0.20
N ALA B 164 -7.81 1.96 -0.02
CA ALA B 164 -8.65 1.92 -1.21
C ALA B 164 -9.57 3.17 -1.32
N VAL B 165 -10.20 3.58 -0.22
CA VAL B 165 -11.08 4.74 -0.28
C VAL B 165 -10.28 5.97 -0.63
N ALA B 166 -9.12 6.14 -0.02
CA ALA B 166 -8.25 7.24 -0.33
C ALA B 166 -7.84 7.25 -1.82
N ASP B 167 -7.55 6.05 -2.37
CA ASP B 167 -7.22 5.90 -3.79
C ASP B 167 -8.46 5.95 -4.72
N LEU B 168 -9.63 6.20 -4.16
CA LEU B 168 -10.83 6.39 -4.96
C LEU B 168 -11.26 7.85 -5.04
N THR B 169 -10.67 8.71 -4.21
CA THR B 169 -11.17 10.07 -4.02
C THR B 169 -10.04 11.11 -4.10
N ASP B 170 -10.43 12.38 -4.11
CA ASP B 170 -9.50 13.52 -4.18
C ASP B 170 -9.09 13.95 -2.81
N PHE B 171 -9.89 13.64 -1.81
CA PHE B 171 -9.66 14.26 -0.48
C PHE B 171 -10.06 13.22 0.51
N PHE B 172 -9.22 12.97 1.50
CA PHE B 172 -9.49 11.94 2.48
C PHE B 172 -9.68 12.51 3.86
N LEU B 173 -10.87 12.30 4.42
CA LEU B 173 -11.31 12.99 5.64
C LEU B 173 -11.35 11.97 6.76
N VAL B 174 -10.64 12.25 7.85
CA VAL B 174 -10.65 11.35 9.00
C VAL B 174 -11.38 11.97 10.18
N LEU B 175 -12.39 11.25 10.65
CA LEU B 175 -13.22 11.70 11.77
C LEU B 175 -12.75 10.99 13.02
N MET B 176 -12.40 11.77 14.05
CA MET B 176 -11.89 11.17 15.27
C MET B 176 -12.71 11.56 16.48
N LEU B 177 -12.59 10.74 17.52
CA LEU B 177 -13.21 10.98 18.83
C LEU B 177 -12.34 11.89 19.68
N PRO B 178 -12.96 12.59 20.65
CA PRO B 178 -12.20 13.38 21.61
C PRO B 178 -11.67 12.58 22.80
N GLY B 179 -12.20 11.36 22.99
CA GLY B 179 -11.73 10.46 24.04
C GLY B 179 -11.69 9.02 23.54
N LYS B 188 -5.95 2.59 13.70
CA LYS B 188 -5.00 1.99 12.75
C LYS B 188 -3.98 3.06 12.37
N LYS B 189 -2.70 2.78 12.55
CA LYS B 189 -1.64 3.80 12.42
C LYS B 189 -1.74 4.52 11.07
N GLY B 190 -1.74 3.73 10.00
CA GLY B 190 -1.74 4.25 8.64
C GLY B 190 -2.73 5.35 8.30
N ILE B 191 -3.79 5.48 9.09
CA ILE B 191 -4.86 6.42 8.77
C ILE B 191 -4.35 7.86 8.73
N PHE B 192 -3.41 8.20 9.60
CA PHE B 192 -2.98 9.54 9.77
C PHE B 192 -2.30 10.07 8.56
N GLU B 193 -1.53 9.23 7.91
CA GLU B 193 -0.75 9.65 6.74
C GLU B 193 -1.57 9.68 5.46
N LEU B 194 -2.76 9.08 5.50
CA LEU B 194 -3.73 9.19 4.40
C LEU B 194 -4.49 10.49 4.48
N ALA B 195 -4.56 11.09 5.67
CA ALA B 195 -5.50 12.15 5.95
C ALA B 195 -5.16 13.43 5.29
N ASP B 196 -6.13 14.06 4.62
CA ASP B 196 -5.96 15.43 4.13
C ASP B 196 -6.54 16.44 5.17
N MET B 197 -7.30 15.92 6.12
CA MET B 197 -7.87 16.70 7.20
C MET B 197 -8.38 15.71 8.24
N ILE B 198 -8.21 16.09 9.50
CA ILE B 198 -8.80 15.39 10.66
C ILE B 198 -9.93 16.29 11.19
N ALA B 199 -11.02 15.69 11.63
CA ALA B 199 -12.11 16.46 12.23
C ALA B 199 -12.47 15.76 13.51
N VAL B 200 -12.32 16.47 14.62
CA VAL B 200 -12.62 15.89 15.92
C VAL B 200 -14.11 16.12 16.17
N ASN B 201 -14.86 15.04 16.28
CA ASN B 201 -16.32 15.12 16.36
C ASN B 201 -16.82 15.13 17.79
N LYS B 202 -18.11 15.43 17.94
CA LYS B 202 -18.76 15.44 19.26
C LYS B 202 -18.24 16.61 20.07
N ALA B 203 -17.72 17.61 19.38
CA ALA B 203 -17.40 18.87 20.02
C ALA B 203 -18.72 19.55 20.30
N ASP B 204 -19.41 19.09 21.34
CA ASP B 204 -20.71 19.66 21.74
C ASP B 204 -20.54 21.04 22.37
N ASP B 205 -21.55 21.89 22.17
CA ASP B 205 -21.53 23.24 22.73
C ASP B 205 -21.25 23.15 24.23
N GLY B 206 -21.94 22.20 24.88
CA GLY B 206 -21.73 21.93 26.28
C GLY B 206 -20.47 21.11 26.49
N ASP B 207 -19.34 21.80 26.68
CA ASP B 207 -18.10 21.24 27.24
C ASP B 207 -17.34 20.26 26.34
N GLY B 208 -18.01 19.61 25.39
CA GLY B 208 -17.35 18.77 24.41
C GLY B 208 -16.42 19.58 23.52
N GLU B 209 -16.76 20.86 23.34
CA GLU B 209 -15.94 21.81 22.57
C GLU B 209 -14.55 22.03 23.18
N ARG B 210 -14.49 22.04 24.50
CA ARG B 210 -13.22 22.27 25.21
C ARG B 210 -12.25 21.12 24.99
N ARG B 211 -12.75 19.90 25.19
CA ARG B 211 -11.91 18.71 25.18
C ARG B 211 -11.63 18.15 23.78
N ALA B 212 -12.40 18.58 22.79
CA ALA B 212 -12.14 18.29 21.39
C ALA B 212 -11.16 19.32 20.83
N SER B 213 -11.22 20.54 21.34
CA SER B 213 -10.25 21.58 20.96
C SER B 213 -8.86 21.24 21.50
N ALA B 214 -8.85 20.52 22.63
CA ALA B 214 -7.63 20.04 23.25
C ALA B 214 -7.06 18.95 22.37
N ALA B 215 -7.84 17.89 22.17
CA ALA B 215 -7.43 16.77 21.32
C ALA B 215 -6.97 17.20 19.91
N ALA B 216 -7.57 18.25 19.38
CA ALA B 216 -7.24 18.76 18.04
C ALA B 216 -5.86 19.40 18.04
N SER B 217 -5.51 20.04 19.16
CA SER B 217 -4.17 20.57 19.34
C SER B 217 -3.13 19.46 19.42
N GLU B 218 -3.47 18.33 20.04
CA GLU B 218 -2.60 17.15 20.06
C GLU B 218 -2.38 16.53 18.67
N TYR B 219 -3.46 16.38 17.90
CA TYR B 219 -3.34 15.82 16.57
C TYR B 219 -2.62 16.78 15.64
N ARG B 220 -2.96 18.05 15.78
CA ARG B 220 -2.33 19.11 14.99
C ARG B 220 -0.83 19.18 15.28
N ALA B 221 -0.43 18.89 16.51
CA ALA B 221 0.98 18.97 16.92
C ALA B 221 1.77 17.84 16.32
N ALA B 222 1.19 16.64 16.40
CA ALA B 222 1.79 15.42 15.90
C ALA B 222 1.94 15.42 14.40
N LEU B 223 0.92 15.91 13.69
CA LEU B 223 0.92 15.92 12.22
C LEU B 223 1.98 16.84 11.65
N HIS B 224 2.48 17.80 12.43
CA HIS B 224 3.59 18.66 11.98
C HIS B 224 4.82 17.89 11.59
N ILE B 225 4.97 16.70 12.18
CA ILE B 225 6.13 15.84 11.96
C ILE B 225 6.02 14.98 10.69
N LEU B 226 4.83 14.95 10.07
CA LEU B 226 4.63 14.18 8.84
C LEU B 226 4.78 15.11 7.66
N THR B 227 5.52 14.71 6.63
CA THR B 227 5.66 15.53 5.43
C THR B 227 4.46 15.28 4.50
N PRO B 228 3.67 16.32 4.20
CA PRO B 228 2.54 16.05 3.31
C PRO B 228 3.03 15.73 1.90
N PRO B 229 2.20 15.05 1.10
CA PRO B 229 2.61 14.69 -0.27
C PRO B 229 2.83 15.90 -1.16
N SER B 230 2.16 17.01 -0.85
CA SER B 230 2.31 18.21 -1.67
C SER B 230 2.46 19.48 -0.82
N ALA B 231 3.32 20.39 -1.28
CA ALA B 231 3.50 21.69 -0.65
C ALA B 231 2.24 22.54 -0.85
N THR B 232 1.36 22.10 -1.75
CA THR B 232 0.15 22.86 -2.06
C THR B 232 -0.84 22.79 -0.89
N TRP B 233 -0.82 21.70 -0.13
CA TRP B 233 -1.79 21.52 0.93
C TRP B 233 -1.17 20.99 2.17
N THR B 234 -1.49 21.63 3.29
CA THR B 234 -1.07 21.15 4.59
C THR B 234 -2.28 20.69 5.39
N PRO B 235 -2.42 19.39 5.68
CA PRO B 235 -3.61 18.92 6.39
C PRO B 235 -3.96 19.75 7.63
N PRO B 236 -5.19 20.30 7.71
CA PRO B 236 -5.63 20.87 8.97
C PRO B 236 -6.36 19.89 9.88
N VAL B 237 -6.43 20.24 11.15
CA VAL B 237 -7.22 19.51 12.13
C VAL B 237 -8.30 20.49 12.60
N VAL B 238 -9.56 20.05 12.61
CA VAL B 238 -10.68 20.92 13.01
C VAL B 238 -11.59 20.20 14.01
N THR B 239 -12.64 20.91 14.46
CA THR B 239 -13.61 20.38 15.41
C THR B 239 -14.97 20.62 14.81
N ILE B 240 -15.87 19.66 15.03
CA ILE B 240 -17.22 19.77 14.54
C ILE B 240 -18.15 19.08 15.50
N SER B 241 -19.45 19.37 15.32
CA SER B 241 -20.49 18.50 15.87
C SER B 241 -21.36 18.02 14.72
N GLY B 242 -21.34 16.71 14.49
CA GLY B 242 -22.16 16.10 13.46
C GLY B 242 -23.63 16.05 13.87
N LEU B 243 -23.87 15.92 15.17
CA LEU B 243 -25.23 15.78 15.70
C LEU B 243 -25.98 17.12 15.66
N HIS B 244 -25.29 18.22 15.99
CA HIS B 244 -25.91 19.57 16.01
C HIS B 244 -25.47 20.48 14.89
N GLY B 245 -24.73 19.96 13.92
CA GLY B 245 -24.39 20.72 12.73
C GLY B 245 -23.28 21.76 12.86
N LYS B 246 -22.59 21.79 13.99
CA LYS B 246 -21.52 22.75 14.20
C LYS B 246 -20.24 22.46 13.40
N GLY B 247 -19.67 23.50 12.79
CA GLY B 247 -18.39 23.44 12.10
C GLY B 247 -18.45 22.80 10.71
N LEU B 248 -19.62 22.28 10.34
CA LEU B 248 -19.80 21.58 9.08
C LEU B 248 -19.60 22.47 7.87
N ASP B 249 -20.02 23.72 7.98
CA ASP B 249 -19.84 24.69 6.91
C ASP B 249 -18.38 25.01 6.67
N SER B 250 -17.61 25.20 7.75
CA SER B 250 -16.22 25.57 7.56
C SER B 250 -15.45 24.33 7.10
N LEU B 251 -15.84 23.17 7.59
CA LEU B 251 -15.24 21.92 7.16
C LEU B 251 -15.33 21.79 5.65
N TRP B 252 -16.53 22.00 5.10
CA TRP B 252 -16.71 21.93 3.68
C TRP B 252 -15.94 22.98 2.94
N SER B 253 -15.80 24.18 3.51
CA SER B 253 -15.09 25.25 2.80
C SER B 253 -13.59 24.95 2.66
N ARG B 254 -13.05 24.17 3.59
CA ARG B 254 -11.65 23.73 3.51
C ARG B 254 -11.47 22.74 2.36
N ILE B 255 -12.42 21.83 2.21
CA ILE B 255 -12.44 20.88 1.06
C ILE B 255 -12.55 21.62 -0.28
N GLU B 256 -13.32 22.71 -0.30
CA GLU B 256 -13.49 23.51 -1.51
C GLU B 256 -12.18 24.19 -1.85
N ASP B 257 -11.49 24.62 -0.79
CA ASP B 257 -10.25 25.35 -0.91
C ASP B 257 -9.18 24.42 -1.46
N HIS B 258 -9.13 23.21 -0.93
CA HIS B 258 -8.29 22.14 -1.47
C HIS B 258 -8.53 21.95 -2.94
N ARG B 259 -9.81 21.91 -3.34
CA ARG B 259 -10.16 21.69 -4.74
CA ARG B 259 -10.19 21.69 -4.74
C ARG B 259 -9.67 22.81 -5.65
N SER B 260 -9.88 24.06 -5.25
CA SER B 260 -9.40 25.18 -6.06
C SER B 260 -7.87 25.19 -6.18
N LYS B 261 -7.16 25.01 -5.07
CA LYS B 261 -5.70 25.03 -5.10
C LYS B 261 -5.10 23.89 -5.95
N LEU B 262 -5.58 22.67 -5.76
CA LEU B 262 -4.99 21.53 -6.49
C LEU B 262 -5.53 21.39 -7.89
N THR B 263 -6.60 22.10 -8.20
CA THR B 263 -7.06 22.22 -9.58
C THR B 263 -6.15 23.15 -10.36
N ALA B 264 -5.78 24.27 -9.72
CA ALA B 264 -4.95 25.28 -10.36
C ALA B 264 -3.58 24.70 -10.72
N THR B 265 -3.04 23.85 -9.86
CA THR B 265 -1.72 23.25 -10.08
C THR B 265 -1.76 21.98 -10.92
N GLY B 266 -2.96 21.48 -11.24
CA GLY B 266 -3.14 20.20 -11.96
C GLY B 266 -3.00 18.93 -11.13
N GLU B 267 -2.89 19.07 -9.82
CA GLU B 267 -2.65 17.94 -8.94
C GLU B 267 -3.90 17.10 -8.72
N ILE B 268 -5.10 17.69 -8.82
CA ILE B 268 -6.32 16.88 -8.71
C ILE B 268 -6.32 15.91 -9.90
N ALA B 269 -6.04 16.43 -11.09
CA ALA B 269 -6.10 15.61 -12.30
C ALA B 269 -5.02 14.56 -12.31
N GLY B 270 -3.82 14.93 -11.88
CA GLY B 270 -2.71 13.99 -11.85
C GLY B 270 -2.95 12.85 -10.88
N LYS B 271 -3.45 13.17 -9.70
CA LYS B 271 -3.87 12.06 -8.80
C LYS B 271 -4.94 11.15 -9.44
N ARG B 272 -5.93 11.71 -10.11
CA ARG B 272 -7.01 10.89 -10.64
C ARG B 272 -6.50 9.94 -11.72
N ARG B 273 -5.52 10.38 -12.48
CA ARG B 273 -4.96 9.60 -13.60
C ARG B 273 -4.21 8.41 -13.02
N GLU B 274 -3.48 8.65 -11.94
CA GLU B 274 -2.76 7.61 -11.19
CA GLU B 274 -2.77 7.59 -11.25
C GLU B 274 -3.74 6.56 -10.62
N GLN B 275 -4.75 7.05 -9.91
CA GLN B 275 -5.79 6.15 -9.39
C GLN B 275 -6.42 5.30 -10.51
N ASP B 276 -6.70 5.90 -11.65
CA ASP B 276 -7.45 5.23 -12.74
C ASP B 276 -6.69 4.02 -13.30
N VAL B 277 -5.39 4.21 -13.51
CA VAL B 277 -4.50 3.14 -13.95
C VAL B 277 -4.43 2.06 -12.87
N LYS B 278 -4.37 2.48 -11.61
CA LYS B 278 -4.41 1.54 -10.49
C LYS B 278 -5.69 0.68 -10.49
N TRP B 279 -6.82 1.31 -10.78
CA TRP B 279 -8.07 0.54 -10.83
C TRP B 279 -8.09 -0.35 -12.05
N MET B 280 -7.53 0.11 -13.15
CA MET B 280 -7.39 -0.73 -14.36
C MET B 280 -6.63 -1.99 -14.00
N TRP B 281 -5.45 -1.88 -13.40
CA TRP B 281 -4.69 -3.07 -13.00
C TRP B 281 -5.38 -3.95 -11.99
N ALA B 282 -6.05 -3.34 -11.02
CA ALA B 282 -6.87 -4.08 -10.08
C ALA B 282 -7.93 -4.91 -10.80
N LEU B 283 -8.52 -4.40 -11.86
CA LEU B 283 -9.52 -5.15 -12.60
C LEU B 283 -8.88 -6.30 -13.38
N VAL B 284 -7.71 -6.07 -13.95
CA VAL B 284 -6.95 -7.14 -14.58
C VAL B 284 -6.68 -8.25 -13.55
N HIS B 285 -6.35 -7.88 -12.31
CA HIS B 285 -6.00 -8.88 -11.31
C HIS B 285 -7.22 -9.59 -10.73
N GLU B 286 -8.36 -8.89 -10.70
CA GLU B 286 -9.66 -9.50 -10.34
C GLU B 286 -10.01 -10.61 -11.34
N ARG B 287 -9.88 -10.35 -12.63
CA ARG B 287 -10.17 -11.38 -13.61
C ARG B 287 -9.28 -12.59 -13.37
N LEU B 288 -7.98 -12.37 -13.21
CA LEU B 288 -7.09 -13.48 -12.88
C LEU B 288 -7.60 -14.24 -11.67
N HIS B 289 -7.90 -13.54 -10.59
CA HIS B 289 -8.45 -14.19 -9.41
C HIS B 289 -9.69 -14.99 -9.75
N GLN B 290 -10.51 -14.53 -10.68
CA GLN B 290 -11.74 -15.25 -11.02
C GLN B 290 -11.43 -16.63 -11.57
N ARG B 291 -10.30 -16.81 -12.25
CA ARG B 291 -9.88 -18.14 -12.68
C ARG B 291 -9.55 -19.11 -11.55
N LEU B 292 -9.25 -18.63 -10.35
CA LEU B 292 -9.06 -19.52 -9.21
C LEU B 292 -10.33 -20.27 -8.85
N VAL B 293 -11.47 -19.60 -9.00
CA VAL B 293 -12.77 -20.25 -8.76
C VAL B 293 -13.42 -20.73 -10.06
N GLY B 294 -12.62 -20.96 -11.09
CA GLY B 294 -13.10 -21.45 -12.41
C GLY B 294 -13.74 -22.84 -12.35
N SER B 295 -13.34 -23.63 -11.36
CA SER B 295 -13.91 -24.93 -11.12
C SER B 295 -13.53 -25.35 -9.70
N ALA B 296 -14.21 -26.39 -9.17
CA ALA B 296 -13.88 -26.87 -7.83
C ALA B 296 -12.43 -27.38 -7.73
N GLU B 297 -12.01 -28.17 -8.73
CA GLU B 297 -10.65 -28.72 -8.81
C GLU B 297 -9.57 -27.63 -8.78
N VAL B 298 -9.77 -26.58 -9.57
CA VAL B 298 -8.82 -25.50 -9.66
C VAL B 298 -8.81 -24.73 -8.36
N ARG B 299 -9.98 -24.55 -7.76
CA ARG B 299 -10.06 -23.89 -6.48
C ARG B 299 -9.38 -24.72 -5.38
N GLN B 300 -9.64 -26.03 -5.35
CA GLN B 300 -9.02 -26.88 -4.32
C GLN B 300 -7.49 -26.78 -4.41
N ALA B 301 -6.96 -27.06 -5.60
CA ALA B 301 -5.52 -27.14 -5.78
C ALA B 301 -4.81 -25.80 -5.51
N THR B 302 -5.43 -24.70 -5.91
CA THR B 302 -4.87 -23.39 -5.65
C THR B 302 -4.94 -22.95 -4.17
N ALA B 303 -6.01 -23.32 -3.46
CA ALA B 303 -6.09 -23.09 -2.02
C ALA B 303 -5.00 -23.90 -1.30
N GLU B 304 -4.67 -25.08 -1.82
CA GLU B 304 -3.66 -25.88 -1.13
C GLU B 304 -2.24 -25.34 -1.44
N ALA B 305 -2.01 -24.88 -2.67
CA ALA B 305 -0.77 -24.17 -2.95
C ALA B 305 -0.57 -22.99 -1.98
N GLU B 306 -1.58 -22.13 -1.85
CA GLU B 306 -1.51 -21.00 -0.93
C GLU B 306 -1.26 -21.42 0.52
N ARG B 307 -2.01 -22.42 0.95
CA ARG B 307 -1.89 -22.98 2.29
C ARG B 307 -0.48 -23.54 2.54
N ALA B 308 0.06 -24.26 1.57
CA ALA B 308 1.43 -24.74 1.65
C ALA B 308 2.37 -23.59 1.94
N VAL B 309 2.18 -22.46 1.27
CA VAL B 309 3.09 -21.35 1.41
C VAL B 309 2.90 -20.67 2.73
N ALA B 310 1.64 -20.47 3.08
CA ALA B 310 1.27 -19.89 4.37
C ALA B 310 1.65 -20.81 5.53
N GLY B 311 1.62 -22.13 5.32
CA GLY B 311 2.09 -23.06 6.36
C GLY B 311 3.61 -23.19 6.52
N GLY B 312 4.38 -22.54 5.65
CA GLY B 312 5.84 -22.64 5.64
C GLY B 312 6.38 -23.88 4.94
N GLU B 313 5.51 -24.64 4.29
CA GLU B 313 5.89 -25.95 3.75
C GLU B 313 6.52 -25.94 2.38
N HIS B 314 6.19 -24.96 1.54
CA HIS B 314 6.85 -24.74 0.25
C HIS B 314 7.06 -23.27 0.08
N SER B 315 8.01 -22.89 -0.77
CA SER B 315 8.43 -21.50 -0.93
C SER B 315 7.43 -20.68 -1.73
N PRO B 316 7.43 -19.35 -1.54
CA PRO B 316 6.53 -18.53 -2.34
C PRO B 316 6.61 -18.83 -3.84
N ALA B 317 7.81 -19.06 -4.35
CA ALA B 317 7.99 -19.25 -5.77
C ALA B 317 7.39 -20.57 -6.22
N ALA B 318 7.42 -21.58 -5.36
CA ALA B 318 6.84 -22.88 -5.69
C ALA B 318 5.32 -22.80 -5.63
N GLY B 319 4.78 -22.10 -4.65
CA GLY B 319 3.36 -21.77 -4.67
C GLY B 319 2.95 -21.12 -5.97
N ALA B 320 3.69 -20.07 -6.34
CA ALA B 320 3.41 -19.25 -7.51
C ALA B 320 3.43 -20.04 -8.82
N ASP B 321 4.38 -20.95 -8.95
CA ASP B 321 4.44 -21.78 -10.15
C ASP B 321 3.32 -22.80 -10.12
N ALA B 322 3.03 -23.42 -8.96
CA ALA B 322 1.90 -24.34 -8.92
C ALA B 322 0.64 -23.61 -9.39
N ILE B 323 0.39 -22.47 -8.78
CA ILE B 323 -0.78 -21.66 -9.12
C ILE B 323 -0.82 -21.23 -10.56
N ALA B 324 0.32 -20.81 -11.10
CA ALA B 324 0.39 -20.36 -12.48
C ALA B 324 0.09 -21.47 -13.47
N THR B 325 0.52 -22.69 -13.14
CA THR B 325 0.24 -23.81 -14.01
C THR B 325 -1.25 -24.09 -13.99
N LEU B 326 -1.82 -24.12 -12.79
CA LEU B 326 -3.25 -24.40 -12.64
C LEU B 326 -4.12 -23.47 -13.43
N ILE B 327 -3.87 -22.17 -13.31
CA ILE B 327 -4.73 -21.19 -13.98
C ILE B 327 -4.30 -20.89 -15.43
N GLY B 328 -3.44 -21.73 -16.02
CA GLY B 328 -3.08 -21.61 -17.44
C GLY B 328 -2.03 -20.55 -17.78
N LEU B 329 -1.34 -20.02 -16.76
CA LEU B 329 -0.32 -18.99 -16.93
C LEU B 329 1.08 -19.63 -16.92
PG GNP C . 22.62 6.35 -0.66
O1G GNP C . 22.51 7.17 -1.90
O2G GNP C . 21.14 5.92 -0.21
O3G GNP C . 23.48 5.00 -0.90
N3B GNP C . 23.44 7.36 0.56
PB GNP C . 23.70 6.79 2.19
O1B GNP C . 22.44 6.98 2.95
O2B GNP C . 24.17 5.28 2.26
O3A GNP C . 24.83 7.69 2.90
PA GNP C . 26.39 7.28 3.08
O1A GNP C . 26.53 6.17 4.11
O2A GNP C . 27.01 7.14 1.73
O5' GNP C . 26.88 8.66 3.76
C5' GNP C . 26.67 9.88 3.05
C4' GNP C . 27.63 10.91 3.59
O4' GNP C . 27.29 11.22 4.94
C3' GNP C . 29.07 10.39 3.61
O3' GNP C . 29.99 11.46 3.37
C2' GNP C . 29.27 9.87 5.02
O2' GNP C . 30.61 9.95 5.52
C1' GNP C . 28.39 10.83 5.79
N9 GNP C . 27.96 10.19 7.05
C8 GNP C . 27.40 8.97 7.25
N7 GNP C . 27.16 8.76 8.57
C5 GNP C . 27.59 9.87 9.23
C6 GNP C . 27.67 10.32 10.63
O6 GNP C . 27.22 9.60 11.57
N1 GNP C . 28.20 11.54 10.87
C2 GNP C . 28.67 12.32 9.86
N2 GNP C . 29.18 13.52 10.12
N3 GNP C . 28.63 11.96 8.57
C4 GNP C . 28.11 10.78 8.21
HNB3 GNP C . 23.70 8.15 0.35
H5'2 GNP C . 25.76 10.19 3.17
H5'1 GNP C . 26.81 9.76 2.10
H4' GNP C . 27.58 11.68 3.01
H3' GNP C . 29.22 9.71 2.93
HO3' GNP C . 30.66 11.38 3.88
H2' GNP C . 29.07 8.93 5.07
HO2' GNP C . 30.63 9.65 6.30
H1' GNP C . 28.86 11.63 6.05
H8 GNP C . 27.19 8.33 6.54
HN1 GNP C . 28.24 11.83 11.68
HN21 GNP C . 29.23 13.82 10.93
HN22 GNP C . 29.48 14.01 9.47
PG GNP D . -22.20 4.06 10.71
O1G GNP D . -21.29 3.02 11.28
O2G GNP D . -21.87 4.35 9.15
O3G GNP D . -23.73 3.56 10.84
N3B GNP D . -22.04 5.50 11.71
PB GNP D . -21.05 5.51 13.15
O1B GNP D . -19.66 5.93 12.89
O2B GNP D . -21.01 4.00 13.72
O3A GNP D . -21.69 6.50 14.26
PA GNP D . -23.21 6.99 14.20
O1A GNP D . -24.07 5.80 13.86
O2A GNP D . -23.28 8.28 13.40
O5' GNP D . -23.42 7.43 15.72
C5' GNP D . -23.11 6.59 16.83
C4' GNP D . -23.66 7.32 18.04
O4' GNP D . -22.91 8.53 18.24
C3' GNP D . -25.12 7.72 17.80
O3' GNP D . -25.93 7.34 18.90
C2' GNP D . -25.07 9.22 17.57
O2' GNP D . -26.19 9.95 18.08
C1' GNP D . -23.81 9.65 18.31
N9 GNP D . -23.25 10.87 17.69
C8 GNP D . -22.95 11.07 16.39
N7 GNP D . -22.46 12.31 16.20
C5 GNP D . -22.42 12.93 17.39
C6 GNP D . -22.04 14.27 17.90
O6 GNP D . -21.57 15.16 17.15
N1 GNP D . -22.19 14.51 19.22
C2 GNP D . -22.68 13.58 20.07
N2 GNP D . -22.81 13.88 21.38
N3 GNP D . -23.07 12.35 19.66
C4 GNP D . -22.96 11.98 18.37
HNB3 GNP D . -22.45 6.22 11.48
H5'2 GNP D . -22.14 6.46 16.91
H5'1 GNP D . -23.50 5.71 16.74
H4' GNP D . -23.60 6.74 18.80
H3' GNP D . -25.51 7.27 17.03
HO3' GNP D . -26.38 7.99 19.17
H2' GNP D . -25.08 9.41 16.63
HO2' GNP D . -26.09 10.78 17.91
H1' GNP D . -23.97 9.88 19.23
H8 GNP D . -23.07 10.40 15.69
HN1 GNP D . -21.95 15.28 19.53
HN21 GNP D . -22.59 14.66 21.67
HN22 GNP D . -23.13 13.29 21.92
#